data_8HJP
#
_entry.id   8HJP
#
_cell.length_a   63.742
_cell.length_b   80.873
_cell.length_c   173.379
_cell.angle_alpha   90.000
_cell.angle_beta   90.000
_cell.angle_gamma   90.000
#
_symmetry.space_group_name_H-M   'P 21 21 21'
#
loop_
_entity.id
_entity.type
_entity.pdbx_description
1 polymer glycosyltranseferease
2 non-polymer (20S)-2,5,8,11,14,17-HEXAMETHYL-3,6,9,12,15,18-HEXAOXAHENICOSANE-1,20-DIOL
3 non-polymer "URIDINE-5'-DIPHOSPHATE"
4 water water
#
_entity_poly.entity_id   1
_entity_poly.type   'polypeptide(L)'
_entity_poly.pdbx_seq_one_letter_code
;MDAAQQGDTTTILMLPWLGYGHLSAFLELAKSLSRRNFHIYFCSTSVNLDAIKPKLPSSFSDSIQFVELHLPSSPEFPPH
LHTTNGLPPTLMPALHQAFSMAAQHFESILQTLAPHLLIYDSLQPWAPRVASSLKIPAINFNTTGVFVISQGLHPIHYPH
SKFPFSEFVLHNHWKAMYSTADGASTERTRKRGEAFLYCLHASCSVILINSFRELEGKYMDYLSVLLNKKVVPVGPLVYE
PNQDGEDEGYSSIKNWLDKKEPSSTVFVSFGSEYFPSKEEMEEIAHGLEASEVNFIWVVRFPQGDNTSGIEDALPKGFLE
RAGERGMVVKGWAPQAKILKHWSTGGFVSHCGWNSVMESMMFGVPIIGVPMHVDQPFNAGLVEEAGVGVEAKRDPDGKIQ
RDEVAKLIKEVVVEKTREDVRKKAREMSEILRSKGEEKFDEMVAEISLLLKIEHHHHHH
;
_entity_poly.pdbx_strand_id   A,B
#
# COMPACT_ATOMS: atom_id res chain seq x y z
N THR A 9 12.55 22.51 2.52
CA THR A 9 13.49 23.48 3.03
C THR A 9 14.65 22.74 3.74
N THR A 10 14.35 21.55 4.26
CA THR A 10 15.41 20.64 4.71
C THR A 10 15.80 19.77 3.52
N THR A 11 17.06 19.90 3.08
CA THR A 11 17.54 19.24 1.87
C THR A 11 18.34 17.98 2.19
N ILE A 12 18.16 16.97 1.35
CA ILE A 12 18.88 15.70 1.47
C ILE A 12 19.48 15.36 0.11
N LEU A 13 20.79 15.19 0.06
CA LEU A 13 21.45 14.66 -1.13
C LEU A 13 21.57 13.15 -0.98
N MET A 14 21.10 12.42 -1.98
CA MET A 14 21.12 10.96 -1.97
C MET A 14 22.09 10.47 -3.04
N LEU A 15 22.96 9.55 -2.67
CA LEU A 15 24.02 9.06 -3.57
C LEU A 15 23.93 7.54 -3.66
N PRO A 16 23.23 7.02 -4.66
CA PRO A 16 23.22 5.56 -4.87
C PRO A 16 24.57 5.09 -5.39
N TRP A 17 24.81 3.79 -5.26
CA TRP A 17 25.91 3.20 -5.99
C TRP A 17 25.53 3.10 -7.45
N LEU A 18 26.53 3.08 -8.32
CA LEU A 18 26.25 2.97 -9.74
C LEU A 18 25.75 1.55 -10.00
N GLY A 19 24.55 1.44 -10.55
CA GLY A 19 23.91 0.15 -10.66
C GLY A 19 22.40 0.30 -10.59
N TYR A 20 21.68 -0.31 -11.51
CA TYR A 20 20.26 -0.02 -11.67
C TYR A 20 19.46 -0.37 -10.42
N GLY A 21 19.74 -1.52 -9.80
CA GLY A 21 19.02 -1.89 -8.60
C GLY A 21 19.21 -0.90 -7.46
N HIS A 22 20.43 -0.41 -7.29
CA HIS A 22 20.69 0.62 -6.29
C HIS A 22 19.99 1.92 -6.65
N LEU A 23 20.03 2.31 -7.93
CA LEU A 23 19.34 3.52 -8.36
C LEU A 23 17.85 3.43 -8.09
N SER A 24 17.24 2.28 -8.40
CA SER A 24 15.80 2.13 -8.22
C SER A 24 15.41 2.21 -6.75
N ALA A 25 16.16 1.53 -5.89
CA ALA A 25 15.84 1.53 -4.46
C ALA A 25 15.98 2.92 -3.88
N PHE A 26 17.04 3.64 -4.26
CA PHE A 26 17.21 5.01 -3.81
C PHE A 26 16.07 5.90 -4.32
N LEU A 27 15.63 5.70 -5.56
CA LEU A 27 14.59 6.57 -6.10
C LEU A 27 13.28 6.40 -5.34
N GLU A 28 12.90 5.16 -5.03
CA GLU A 28 11.68 4.95 -4.25
C GLU A 28 11.80 5.59 -2.88
N LEU A 29 12.98 5.53 -2.26
CA LEU A 29 13.16 6.20 -0.97
C LEU A 29 13.07 7.71 -1.16
N ALA A 30 13.66 8.22 -2.24
CA ALA A 30 13.57 9.65 -2.53
C ALA A 30 12.11 10.11 -2.62
N LYS A 31 11.26 9.31 -3.27
CA LYS A 31 9.86 9.71 -3.42
C LYS A 31 9.16 9.82 -2.07
N SER A 32 9.40 8.85 -1.18
CA SER A 32 8.81 8.90 0.15
C SER A 32 9.31 10.12 0.93
N LEU A 33 10.61 10.41 0.86
CA LEU A 33 11.14 11.56 1.59
C LEU A 33 10.58 12.86 1.01
N SER A 34 10.47 12.94 -0.31
CA SER A 34 9.90 14.13 -0.94
C SER A 34 8.48 14.38 -0.47
N ARG A 35 7.68 13.30 -0.36
CA ARG A 35 6.31 13.42 0.12
C ARG A 35 6.24 13.87 1.58
N ARG A 36 7.31 13.66 2.34
CA ARG A 36 7.39 14.04 3.74
C ARG A 36 8.09 15.38 3.93
N ASN A 37 8.17 16.17 2.86
CA ASN A 37 8.60 17.57 2.82
C ASN A 37 10.11 17.77 2.79
N PHE A 38 10.90 16.75 2.51
CA PHE A 38 12.32 16.96 2.28
C PHE A 38 12.54 17.30 0.81
N HIS A 39 13.48 18.20 0.54
CA HIS A 39 13.94 18.46 -0.82
C HIS A 39 15.12 17.55 -1.13
N ILE A 40 15.05 16.82 -2.25
CA ILE A 40 16.01 15.78 -2.55
C ILE A 40 16.88 16.18 -3.75
N TYR A 41 18.20 16.11 -3.56
CA TYR A 41 19.18 16.24 -4.64
C TYR A 41 19.58 14.80 -4.97
N PHE A 42 19.06 14.25 -6.06
CA PHE A 42 19.34 12.87 -6.42
C PHE A 42 20.57 12.83 -7.33
N CYS A 43 21.71 12.40 -6.78
CA CYS A 43 23.02 12.50 -7.43
C CYS A 43 23.50 11.17 -8.01
N SER A 44 23.83 11.17 -9.30
CA SER A 44 24.38 10.00 -9.98
C SER A 44 25.02 10.43 -11.29
N THR A 45 25.68 9.47 -11.95
CA THR A 45 26.19 9.74 -13.29
C THR A 45 25.03 9.96 -14.25
N SER A 46 25.31 10.68 -15.33
CA SER A 46 24.25 11.05 -16.28
C SER A 46 23.52 9.83 -16.83
N VAL A 47 24.26 8.77 -17.19
CA VAL A 47 23.60 7.60 -17.79
C VAL A 47 22.62 6.97 -16.80
N ASN A 48 23.01 6.88 -15.53
CA ASN A 48 22.11 6.32 -14.53
C ASN A 48 20.90 7.21 -14.30
N LEU A 49 21.12 8.53 -14.20
CA LEU A 49 20.01 9.45 -14.00
C LEU A 49 19.03 9.35 -15.16
N ASP A 50 19.55 9.27 -16.39
CA ASP A 50 18.70 9.13 -17.57
C ASP A 50 17.93 7.81 -17.54
N ALA A 51 18.57 6.73 -17.10
CA ALA A 51 17.91 5.44 -17.05
C ALA A 51 16.75 5.43 -16.07
N ILE A 52 16.87 6.16 -14.96
CA ILE A 52 15.88 6.08 -13.89
C ILE A 52 14.79 7.13 -14.05
N LYS A 53 15.00 8.14 -14.89
CA LYS A 53 14.04 9.23 -15.03
C LYS A 53 12.63 8.79 -15.44
N PRO A 54 12.43 7.78 -16.30
CA PRO A 54 11.05 7.34 -16.58
C PRO A 54 10.22 6.98 -15.36
N LYS A 55 10.85 6.54 -14.28
CA LYS A 55 10.14 6.12 -13.08
C LYS A 55 9.81 7.26 -12.13
N LEU A 56 10.28 8.47 -12.42
CA LEU A 56 9.93 9.65 -11.64
C LEU A 56 8.87 10.45 -12.35
N PRO A 57 7.64 10.51 -11.83
CA PRO A 57 6.60 11.32 -12.49
C PRO A 57 6.88 12.80 -12.39
N SER A 58 6.25 13.54 -13.30
CA SER A 58 6.42 14.99 -13.38
C SER A 58 6.01 15.63 -12.07
N SER A 59 5.17 14.93 -11.28
CA SER A 59 4.74 15.43 -9.98
C SER A 59 5.89 15.76 -9.05
N PHE A 60 7.07 15.17 -9.27
CA PHE A 60 8.21 15.35 -8.39
C PHE A 60 9.22 16.37 -8.93
N SER A 61 8.88 17.08 -10.01
CA SER A 61 9.83 17.99 -10.65
C SER A 61 10.33 19.07 -9.71
N ASP A 62 9.45 19.62 -8.86
CA ASP A 62 9.90 20.61 -7.88
C ASP A 62 10.74 20.00 -6.78
N SER A 63 10.35 18.82 -6.31
CA SER A 63 10.93 18.27 -5.09
C SER A 63 12.15 17.36 -5.27
N ILE A 64 12.30 16.66 -6.39
CA ILE A 64 13.47 15.80 -6.62
C ILE A 64 14.25 16.28 -7.84
N GLN A 65 15.39 16.92 -7.60
CA GLN A 65 16.27 17.44 -8.63
C GLN A 65 17.37 16.43 -8.93
N PHE A 66 17.59 16.14 -10.22
CA PHE A 66 18.67 15.25 -10.62
C PHE A 66 19.96 16.04 -10.72
N VAL A 67 20.98 15.60 -9.98
CA VAL A 67 22.27 16.29 -9.91
C VAL A 67 23.35 15.36 -10.46
N GLU A 68 24.12 15.84 -11.45
CA GLU A 68 25.11 15.00 -12.11
C GLU A 68 26.43 14.92 -11.35
N LEU A 69 26.89 13.70 -11.11
CA LEU A 69 28.24 13.42 -10.64
C LEU A 69 29.09 13.08 -11.86
N HIS A 70 30.23 13.76 -12.01
CA HIS A 70 31.12 13.55 -13.15
C HIS A 70 32.23 12.58 -12.78
N LEU A 71 32.36 11.52 -13.55
CA LEU A 71 33.46 10.57 -13.51
C LEU A 71 34.44 10.89 -14.63
N PRO A 72 35.73 10.62 -14.45
CA PRO A 72 36.69 10.87 -15.55
C PRO A 72 36.28 10.11 -16.80
N SER A 73 36.39 10.78 -17.95
CA SER A 73 35.93 10.21 -19.19
C SER A 73 37.03 10.16 -20.24
N SER A 74 36.86 9.26 -21.20
CA SER A 74 37.70 9.12 -22.38
C SER A 74 36.83 8.71 -23.55
N PRO A 75 37.31 8.91 -24.79
CA PRO A 75 36.51 8.53 -25.97
C PRO A 75 36.03 7.08 -26.00
N GLU A 76 36.81 6.12 -25.48
CA GLU A 76 36.37 4.73 -25.43
C GLU A 76 35.68 4.37 -24.13
N PHE A 77 35.77 5.25 -23.12
CA PHE A 77 35.07 5.08 -21.85
C PHE A 77 34.24 6.35 -21.64
N PRO A 78 33.27 6.61 -22.51
CA PRO A 78 32.47 7.83 -22.41
C PRO A 78 31.47 7.72 -21.28
N PRO A 79 30.75 8.82 -20.98
CA PRO A 79 29.78 8.76 -19.86
C PRO A 79 28.70 7.70 -20.00
N HIS A 80 28.40 7.21 -21.21
N HIS A 80 28.37 7.24 -21.21
CA HIS A 80 27.35 6.21 -21.34
CA HIS A 80 27.37 6.20 -21.35
C HIS A 80 27.76 4.85 -20.77
C HIS A 80 27.75 4.91 -20.63
N LEU A 81 29.04 4.67 -20.43
CA LEU A 81 29.53 3.45 -19.81
C LEU A 81 29.72 3.61 -18.31
N HIS A 82 29.32 4.75 -17.74
CA HIS A 82 29.55 5.06 -16.33
C HIS A 82 28.46 4.45 -15.45
N THR A 83 28.28 3.15 -15.59
CA THR A 83 27.29 2.37 -14.86
C THR A 83 27.70 0.91 -14.96
N THR A 84 27.21 0.10 -14.01
CA THR A 84 27.41 -1.33 -14.13
C THR A 84 26.37 -1.98 -15.03
N ASN A 85 25.32 -1.24 -15.40
CA ASN A 85 24.21 -1.78 -16.17
C ASN A 85 24.70 -2.17 -17.57
N GLY A 86 24.83 -3.47 -17.81
CA GLY A 86 25.29 -3.93 -19.10
C GLY A 86 26.76 -3.74 -19.36
N LEU A 87 27.52 -3.38 -18.34
CA LEU A 87 28.94 -3.08 -18.52
C LEU A 87 29.70 -4.36 -18.82
N PRO A 88 30.59 -4.38 -19.81
CA PRO A 88 31.47 -5.51 -19.98
C PRO A 88 32.20 -5.80 -18.69
N PRO A 89 32.23 -7.05 -18.25
CA PRO A 89 32.85 -7.36 -16.94
C PRO A 89 34.30 -6.90 -16.83
N THR A 90 35.06 -6.93 -17.95
CA THR A 90 36.44 -6.50 -17.88
C THR A 90 36.57 -4.99 -17.62
N LEU A 91 35.65 -4.18 -18.15
CA LEU A 91 35.69 -2.75 -17.87
C LEU A 91 35.35 -2.40 -16.42
N MET A 92 34.95 -3.37 -15.61
CA MET A 92 34.54 -3.05 -14.24
C MET A 92 35.66 -2.41 -13.42
N PRO A 93 36.91 -2.91 -13.45
CA PRO A 93 37.97 -2.21 -12.70
C PRO A 93 38.12 -0.74 -13.07
N ALA A 94 37.95 -0.39 -14.35
CA ALA A 94 37.96 1.02 -14.73
C ALA A 94 36.85 1.79 -14.04
N LEU A 95 35.65 1.19 -13.95
CA LEU A 95 34.51 1.89 -13.37
C LEU A 95 34.76 2.23 -11.90
N HIS A 96 35.27 1.26 -11.14
CA HIS A 96 35.63 1.52 -9.74
C HIS A 96 36.75 2.55 -9.64
N GLN A 97 37.74 2.46 -10.54
CA GLN A 97 38.84 3.43 -10.52
C GLN A 97 38.35 4.83 -10.87
N ALA A 98 37.54 4.96 -11.94
CA ALA A 98 36.98 6.26 -12.28
C ALA A 98 36.09 6.78 -11.16
N PHE A 99 35.29 5.91 -10.56
CA PHE A 99 34.45 6.32 -9.44
C PHE A 99 35.33 6.73 -8.27
N SER A 100 36.46 6.04 -8.09
CA SER A 100 37.43 6.40 -7.05
C SER A 100 37.94 7.82 -7.23
N MET A 101 38.01 8.30 -8.47
CA MET A 101 38.56 9.62 -8.78
C MET A 101 37.50 10.71 -8.84
N ALA A 102 36.25 10.39 -8.51
CA ALA A 102 35.16 11.36 -8.60
C ALA A 102 34.97 12.15 -7.31
N ALA A 103 35.83 11.92 -6.32
CA ALA A 103 35.64 12.54 -5.00
C ALA A 103 35.69 14.06 -5.07
N GLN A 104 36.62 14.62 -5.86
CA GLN A 104 36.74 16.09 -5.90
C GLN A 104 35.47 16.72 -6.47
N HIS A 105 34.89 16.11 -7.50
CA HIS A 105 33.63 16.65 -8.01
C HIS A 105 32.53 16.52 -6.96
N PHE A 106 32.51 15.40 -6.24
CA PHE A 106 31.50 15.23 -5.20
C PHE A 106 31.65 16.30 -4.14
N GLU A 107 32.90 16.64 -3.78
CA GLU A 107 33.13 17.67 -2.78
C GLU A 107 32.60 19.01 -3.25
N SER A 108 32.84 19.33 -4.52
CA SER A 108 32.31 20.56 -5.09
C SER A 108 30.80 20.58 -5.04
N ILE A 109 30.15 19.45 -5.33
CA ILE A 109 28.70 19.43 -5.29
C ILE A 109 28.22 19.73 -3.87
N LEU A 110 28.83 19.07 -2.89
CA LEU A 110 28.40 19.24 -1.50
C LEU A 110 28.64 20.67 -1.03
N GLN A 111 29.80 21.23 -1.39
CA GLN A 111 30.10 22.61 -0.97
C GLN A 111 29.10 23.60 -1.54
N THR A 112 28.67 23.38 -2.79
CA THR A 112 27.71 24.26 -3.42
C THR A 112 26.31 24.04 -2.89
N LEU A 113 25.82 22.80 -2.95
CA LEU A 113 24.44 22.52 -2.58
C LEU A 113 24.22 22.62 -1.08
N ALA A 114 25.26 22.33 -0.29
CA ALA A 114 25.19 22.41 1.17
C ALA A 114 23.99 21.67 1.75
N PRO A 115 23.77 20.41 1.37
CA PRO A 115 22.59 19.69 1.89
C PRO A 115 22.69 19.52 3.40
N HIS A 116 21.52 19.46 4.04
CA HIS A 116 21.50 19.20 5.47
C HIS A 116 21.87 17.76 5.81
N LEU A 117 21.60 16.81 4.92
CA LEU A 117 21.88 15.42 5.19
C LEU A 117 22.36 14.71 3.93
N LEU A 118 23.25 13.74 4.11
CA LEU A 118 23.68 12.86 3.03
C LEU A 118 23.23 11.44 3.34
N ILE A 119 22.51 10.84 2.40
CA ILE A 119 22.21 9.42 2.40
C ILE A 119 23.04 8.79 1.29
N TYR A 120 23.90 7.83 1.66
CA TYR A 120 24.88 7.29 0.73
C TYR A 120 24.82 5.77 0.71
N ASP A 121 25.32 5.22 -0.39
CA ASP A 121 25.27 3.79 -0.57
C ASP A 121 26.54 3.18 0.01
N SER A 122 26.71 1.89 -0.16
CA SER A 122 27.70 1.12 0.59
C SER A 122 28.91 0.78 -0.26
N LEU A 123 29.09 1.41 -1.43
CA LEU A 123 30.27 1.17 -2.23
C LEU A 123 31.09 2.43 -2.48
N GLN A 124 31.04 3.41 -1.58
CA GLN A 124 31.71 4.69 -1.77
C GLN A 124 32.43 5.12 -0.50
N PRO A 125 33.64 4.61 -0.26
CA PRO A 125 34.36 5.00 0.97
C PRO A 125 34.52 6.49 1.12
N TRP A 126 34.78 7.19 0.01
CA TRP A 126 35.01 8.63 0.08
C TRP A 126 33.75 9.41 0.43
N ALA A 127 32.56 8.86 0.13
CA ALA A 127 31.34 9.67 0.26
C ALA A 127 31.09 10.16 1.68
N PRO A 128 31.03 9.30 2.72
CA PRO A 128 30.83 9.85 4.07
C PRO A 128 32.00 10.72 4.49
N ARG A 129 33.19 10.36 4.03
CA ARG A 129 34.41 11.05 4.45
C ARG A 129 34.43 12.48 3.91
N VAL A 130 34.04 12.67 2.64
CA VAL A 130 33.91 14.00 2.06
C VAL A 130 32.84 14.78 2.80
N ALA A 131 31.73 14.12 3.10
CA ALA A 131 30.66 14.76 3.84
C ALA A 131 31.13 15.19 5.22
N SER A 132 31.92 14.34 5.87
CA SER A 132 32.45 14.66 7.20
C SER A 132 33.30 15.93 7.20
N SER A 133 34.25 16.06 6.24
CA SER A 133 35.12 17.22 6.21
C SER A 133 34.35 18.52 6.03
N LEU A 134 33.13 18.47 5.48
CA LEU A 134 32.29 19.64 5.35
C LEU A 134 31.25 19.75 6.47
N LYS A 135 31.38 18.92 7.51
CA LYS A 135 30.47 18.96 8.67
C LYS A 135 29.02 18.68 8.28
N ILE A 136 28.82 17.75 7.36
CA ILE A 136 27.49 17.37 6.89
C ILE A 136 27.17 15.99 7.45
N PRO A 137 26.07 15.84 8.20
CA PRO A 137 25.70 14.50 8.69
C PRO A 137 25.45 13.55 7.53
N ALA A 138 25.81 12.28 7.73
CA ALA A 138 25.69 11.30 6.67
C ALA A 138 25.19 9.98 7.24
N ILE A 139 24.34 9.31 6.49
CA ILE A 139 23.70 8.08 6.94
C ILE A 139 23.68 7.08 5.78
N ASN A 140 23.82 5.81 6.12
CA ASN A 140 24.01 4.74 5.14
C ASN A 140 22.66 4.12 4.85
N PHE A 141 22.29 4.06 3.57
CA PHE A 141 21.12 3.33 3.11
C PHE A 141 21.63 2.08 2.40
N ASN A 142 21.33 0.92 2.97
CA ASN A 142 21.77 -0.35 2.40
C ASN A 142 20.59 -0.90 1.60
N THR A 143 20.74 -0.93 0.28
CA THR A 143 19.68 -1.32 -0.64
C THR A 143 19.42 -2.81 -0.68
N THR A 144 20.26 -3.64 -0.06
CA THR A 144 20.11 -5.08 -0.12
C THR A 144 19.72 -5.64 1.26
N GLY A 145 19.68 -6.98 1.35
CA GLY A 145 19.13 -7.65 2.51
C GLY A 145 20.01 -7.67 3.76
N VAL A 146 19.36 -8.03 4.87
CA VAL A 146 20.02 -8.11 6.17
C VAL A 146 20.79 -9.42 6.33
N PHE A 147 20.22 -10.51 5.80
CA PHE A 147 20.76 -11.85 6.05
C PHE A 147 22.23 -11.96 5.66
N VAL A 148 22.60 -11.41 4.49
CA VAL A 148 23.97 -11.53 4.02
C VAL A 148 24.94 -10.81 4.94
N ILE A 149 24.59 -9.59 5.38
CA ILE A 149 25.50 -8.82 6.22
C ILE A 149 25.74 -9.50 7.57
N SER A 150 24.67 -9.99 8.20
CA SER A 150 24.84 -10.65 9.49
C SER A 150 25.70 -11.90 9.36
N GLN A 151 25.50 -12.66 8.29
CA GLN A 151 26.33 -13.84 8.05
C GLN A 151 27.78 -13.45 7.86
N GLY A 152 28.03 -12.30 7.23
CA GLY A 152 29.39 -11.82 7.08
C GLY A 152 30.04 -11.49 8.40
N LEU A 153 29.31 -10.80 9.28
CA LEU A 153 29.88 -10.32 10.53
C LEU A 153 29.91 -11.37 11.63
N HIS A 154 29.04 -12.38 11.57
CA HIS A 154 28.97 -13.36 12.64
C HIS A 154 30.30 -14.08 12.89
N PRO A 155 31.07 -14.51 11.87
CA PRO A 155 32.35 -15.18 12.18
C PRO A 155 33.35 -14.32 12.90
N ILE A 156 33.28 -13.00 12.72
CA ILE A 156 34.26 -12.11 13.34
C ILE A 156 34.27 -12.31 14.84
N HIS A 157 33.07 -12.32 15.41
CA HIS A 157 32.92 -12.40 16.87
C HIS A 157 32.82 -13.88 17.30
N TYR A 158 32.38 -14.75 16.40
CA TYR A 158 32.21 -16.18 16.75
C TYR A 158 32.84 -17.07 15.68
N PRO A 159 34.18 -17.22 15.66
CA PRO A 159 34.83 -17.97 14.60
C PRO A 159 34.43 -19.46 14.64
N HIS A 160 34.14 -19.99 15.82
CA HIS A 160 33.84 -21.43 15.99
C HIS A 160 32.36 -21.73 16.13
N SER A 161 31.57 -20.80 16.69
CA SER A 161 30.13 -21.07 16.96
C SER A 161 29.24 -21.07 15.71
N LYS A 162 28.03 -21.63 15.82
CA LYS A 162 27.10 -21.76 14.68
C LYS A 162 26.31 -20.47 14.47
N PHE A 163 26.00 -20.16 13.20
CA PHE A 163 25.18 -18.99 12.94
C PHE A 163 23.77 -19.24 13.49
N PRO A 164 23.23 -18.35 14.31
CA PRO A 164 21.92 -18.56 14.91
C PRO A 164 20.81 -18.31 13.90
N PHE A 165 19.66 -18.90 14.16
CA PHE A 165 18.40 -18.66 13.46
C PHE A 165 18.41 -19.07 11.99
N SER A 166 19.42 -19.77 11.50
CA SER A 166 19.31 -20.28 10.14
C SER A 166 20.02 -21.61 9.97
N GLU A 167 19.46 -22.47 9.13
CA GLU A 167 20.09 -23.75 8.79
C GLU A 167 20.76 -23.68 7.44
N PHE A 168 20.83 -22.48 6.87
CA PHE A 168 21.46 -22.24 5.57
C PHE A 168 22.93 -22.63 5.61
N VAL A 169 23.38 -23.26 4.53
CA VAL A 169 24.78 -23.60 4.34
C VAL A 169 25.20 -23.04 2.99
N LEU A 170 26.28 -22.25 2.97
CA LEU A 170 26.78 -21.74 1.69
C LEU A 170 27.45 -22.87 0.92
N HIS A 171 27.13 -22.98 -0.37
CA HIS A 171 27.76 -23.96 -1.23
C HIS A 171 29.25 -23.68 -1.33
N ASN A 172 30.04 -24.75 -1.49
CA ASN A 172 31.50 -24.58 -1.56
C ASN A 172 31.91 -23.66 -2.71
N HIS A 173 31.12 -23.63 -3.78
CA HIS A 173 31.46 -22.83 -4.95
C HIS A 173 31.59 -21.35 -4.59
N TRP A 174 30.62 -20.82 -3.85
CA TRP A 174 30.71 -19.45 -3.37
C TRP A 174 31.66 -19.30 -2.20
N LYS A 175 31.75 -20.32 -1.34
CA LYS A 175 32.61 -20.23 -0.16
C LYS A 175 34.06 -19.99 -0.56
N ALA A 176 34.50 -20.59 -1.67
CA ALA A 176 35.86 -20.44 -2.15
C ALA A 176 36.18 -18.98 -2.47
N SER A 185 40.17 -9.32 -4.78
CA SER A 185 41.05 -9.12 -3.61
C SER A 185 40.96 -7.68 -3.11
N THR A 186 41.12 -6.68 -3.99
CA THR A 186 41.14 -5.28 -3.50
C THR A 186 39.79 -4.95 -2.86
N GLU A 187 38.68 -5.36 -3.49
CA GLU A 187 37.32 -5.17 -2.92
C GLU A 187 37.15 -6.00 -1.65
N ARG A 188 37.67 -7.23 -1.65
CA ARG A 188 37.55 -8.11 -0.48
C ARG A 188 38.33 -7.46 0.67
N THR A 189 39.52 -6.94 0.35
CA THR A 189 40.34 -6.27 1.37
C THR A 189 39.51 -5.10 1.91
N ARG A 190 38.85 -4.35 1.01
CA ARG A 190 38.06 -3.16 1.42
C ARG A 190 36.89 -3.59 2.32
N LYS A 191 36.21 -4.66 1.93
CA LYS A 191 35.01 -5.06 2.71
C LYS A 191 35.43 -5.41 4.12
N ARG A 192 36.52 -6.13 4.27
CA ARG A 192 36.92 -6.62 5.60
C ARG A 192 37.22 -5.41 6.50
N GLY A 193 37.91 -4.42 5.97
CA GLY A 193 38.23 -3.22 6.75
C GLY A 193 36.97 -2.51 7.18
N GLU A 194 35.97 -2.50 6.30
CA GLU A 194 34.71 -1.78 6.58
C GLU A 194 33.99 -2.42 7.76
N ALA A 195 34.28 -3.69 8.05
CA ALA A 195 33.65 -4.31 9.21
C ALA A 195 34.05 -3.63 10.51
N PHE A 196 35.23 -3.00 10.53
CA PHE A 196 35.79 -2.38 11.73
C PHE A 196 35.74 -0.85 11.70
N LEU A 197 34.84 -0.28 10.90
CA LEU A 197 34.71 1.17 10.83
C LEU A 197 34.13 1.72 12.13
N TYR A 198 34.71 2.82 12.60
CA TYR A 198 34.35 3.41 13.88
C TYR A 198 33.17 4.39 13.69
N CYS A 199 32.56 4.78 14.82
CA CYS A 199 31.49 5.78 14.80
C CYS A 199 31.49 6.61 16.07
N LEU A 200 31.67 7.94 15.92
CA LEU A 200 31.53 8.89 17.02
C LEU A 200 30.44 9.93 16.75
N HIS A 201 29.46 9.62 15.92
CA HIS A 201 28.44 10.62 15.60
C HIS A 201 27.06 9.99 15.53
N ALA A 202 26.04 10.84 15.67
CA ALA A 202 24.67 10.36 15.62
C ALA A 202 24.33 9.80 14.25
N SER A 203 24.80 10.46 13.18
CA SER A 203 24.46 10.04 11.83
C SER A 203 25.00 8.65 11.54
N CYS A 204 26.18 8.32 12.07
CA CYS A 204 26.73 7.00 11.77
C CYS A 204 26.23 5.92 12.72
N SER A 205 25.42 6.27 13.73
CA SER A 205 24.91 5.29 14.69
C SER A 205 23.64 4.57 14.25
N VAL A 206 23.12 4.86 13.05
CA VAL A 206 21.94 4.19 12.53
C VAL A 206 22.09 3.97 11.03
N ILE A 207 21.54 2.87 10.52
CA ILE A 207 21.53 2.58 9.10
C ILE A 207 20.11 2.29 8.62
N LEU A 208 19.83 2.70 7.39
CA LEU A 208 18.58 2.37 6.71
C LEU A 208 18.82 1.12 5.86
N ILE A 209 17.90 0.17 5.92
CA ILE A 209 18.06 -1.08 5.17
C ILE A 209 16.75 -1.44 4.48
N ASN A 210 16.84 -1.84 3.21
CA ASN A 210 15.70 -2.17 2.36
C ASN A 210 15.19 -3.60 2.60
N SER A 211 14.61 -3.80 3.78
CA SER A 211 14.00 -5.09 4.11
C SER A 211 12.85 -4.87 5.09
N PHE A 212 12.25 -5.98 5.54
CA PHE A 212 11.08 -5.93 6.41
C PHE A 212 11.14 -7.08 7.41
N ARG A 213 10.56 -6.85 8.59
CA ARG A 213 10.71 -7.76 9.72
C ARG A 213 10.10 -9.15 9.48
N GLU A 214 8.97 -9.23 8.78
CA GLU A 214 8.38 -10.55 8.56
C GLU A 214 9.32 -11.48 7.83
N LEU A 215 10.25 -10.94 7.04
CA LEU A 215 11.26 -11.78 6.41
C LEU A 215 12.57 -11.85 7.17
N GLU A 216 13.06 -10.74 7.73
CA GLU A 216 14.42 -10.70 8.28
C GLU A 216 14.48 -10.14 9.70
N GLY A 217 13.37 -10.12 10.44
CA GLY A 217 13.36 -9.45 11.73
C GLY A 217 14.38 -10.01 12.71
N LYS A 218 14.50 -11.34 12.79
CA LYS A 218 15.51 -11.93 13.67
C LYS A 218 16.92 -11.50 13.28
N TYR A 219 17.21 -11.51 11.98
CA TYR A 219 18.52 -11.09 11.50
C TYR A 219 18.77 -9.61 11.76
N MET A 220 17.73 -8.78 11.67
CA MET A 220 17.90 -7.35 11.96
C MET A 220 18.28 -7.13 13.41
N ASP A 221 17.67 -7.87 14.33
CA ASP A 221 18.02 -7.76 15.74
C ASP A 221 19.46 -8.18 15.96
N TYR A 222 19.86 -9.30 15.36
CA TYR A 222 21.23 -9.77 15.48
C TYR A 222 22.21 -8.79 14.84
N LEU A 223 21.88 -8.28 13.64
CA LEU A 223 22.77 -7.33 12.98
C LEU A 223 23.03 -6.09 13.83
N SER A 224 21.99 -5.60 14.52
CA SER A 224 22.18 -4.41 15.35
C SER A 224 23.21 -4.67 16.44
N VAL A 225 23.14 -5.85 17.06
CA VAL A 225 24.09 -6.23 18.10
C VAL A 225 25.49 -6.29 17.49
N LEU A 226 25.62 -7.00 16.37
CA LEU A 226 26.92 -7.12 15.71
C LEU A 226 27.51 -5.75 15.39
N LEU A 227 26.68 -4.80 14.96
CA LEU A 227 27.19 -3.50 14.57
C LEU A 227 27.15 -2.46 15.69
N ASN A 228 26.43 -2.70 16.78
CA ASN A 228 26.19 -1.66 17.78
C ASN A 228 25.54 -0.47 17.11
N LYS A 229 24.55 -0.75 16.24
CA LYS A 229 23.91 0.32 15.51
C LYS A 229 22.40 0.10 15.46
N LYS A 230 21.64 1.21 15.39
CA LYS A 230 20.21 1.10 15.16
C LYS A 230 19.96 0.67 13.72
N VAL A 231 19.12 -0.33 13.52
CA VAL A 231 18.81 -0.84 12.18
C VAL A 231 17.36 -0.49 11.87
N VAL A 232 17.16 0.38 10.88
CA VAL A 232 15.83 0.89 10.57
C VAL A 232 15.38 0.24 9.25
N PRO A 233 14.39 -0.64 9.27
CA PRO A 233 13.82 -1.17 8.02
C PRO A 233 12.98 -0.10 7.33
N VAL A 234 13.18 0.06 6.02
CA VAL A 234 12.37 1.00 5.26
C VAL A 234 11.75 0.31 4.04
N GLY A 235 11.73 -1.01 4.03
CA GLY A 235 11.34 -1.74 2.83
C GLY A 235 10.17 -2.68 3.02
N PRO A 236 9.84 -3.45 1.97
CA PRO A 236 10.55 -3.45 0.69
C PRO A 236 10.19 -2.24 -0.16
N LEU A 237 11.15 -1.76 -0.97
CA LEU A 237 10.92 -0.63 -1.87
C LEU A 237 10.69 -1.17 -3.28
N VAL A 238 9.43 -1.42 -3.61
CA VAL A 238 9.05 -2.04 -4.89
C VAL A 238 8.43 -0.96 -5.76
N TYR A 239 8.96 -0.81 -6.98
CA TYR A 239 8.38 0.14 -7.93
C TYR A 239 7.13 -0.46 -8.56
N GLU A 240 6.04 0.30 -8.54
CA GLU A 240 4.77 -0.16 -9.11
C GLU A 240 4.58 0.47 -10.48
N PRO A 241 4.52 -0.32 -11.54
CA PRO A 241 4.42 0.25 -12.89
C PRO A 241 3.07 0.89 -13.19
N ASN A 242 3.08 1.76 -14.19
CA ASN A 242 1.89 2.47 -14.65
C ASN A 242 1.38 1.88 -15.96
N GLN A 243 0.18 2.30 -16.34
CA GLN A 243 -0.52 1.77 -17.52
C GLN A 243 0.27 1.97 -18.81
N GLU A 246 5.37 4.75 -22.41
CA GLU A 246 6.12 4.04 -23.44
C GLU A 246 6.21 2.55 -23.26
N ASP A 247 5.96 1.85 -24.35
CA ASP A 247 6.15 0.42 -24.34
C ASP A 247 7.64 0.10 -24.50
N GLU A 248 8.19 -0.58 -23.51
CA GLU A 248 9.51 -1.20 -23.54
C GLU A 248 9.37 -2.63 -24.02
N GLY A 249 8.31 -2.86 -24.79
CA GLY A 249 7.95 -4.13 -25.38
C GLY A 249 6.75 -4.79 -24.74
N TYR A 250 6.12 -4.14 -23.74
CA TYR A 250 5.05 -4.81 -23.01
C TYR A 250 3.85 -5.12 -23.89
N SER A 251 3.46 -4.18 -24.76
CA SER A 251 2.24 -4.38 -25.54
C SER A 251 2.34 -5.66 -26.37
N SER A 252 3.48 -5.86 -27.03
CA SER A 252 3.72 -7.11 -27.74
C SER A 252 3.71 -8.29 -26.78
N ILE A 253 4.40 -8.15 -25.65
CA ILE A 253 4.44 -9.21 -24.64
C ILE A 253 3.07 -9.44 -24.02
N LYS A 254 2.33 -8.36 -23.73
CA LYS A 254 1.01 -8.53 -23.12
C LYS A 254 0.07 -9.34 -24.01
N ASN A 255 0.13 -9.11 -25.32
CA ASN A 255 -0.70 -9.88 -26.24
C ASN A 255 -0.29 -11.36 -26.23
N TRP A 256 1.01 -11.63 -26.20
CA TRP A 256 1.49 -13.00 -26.11
C TRP A 256 1.09 -13.63 -24.78
N LEU A 257 1.23 -12.90 -23.68
CA LEU A 257 0.89 -13.46 -22.37
C LEU A 257 -0.60 -13.74 -22.29
N ASP A 258 -1.44 -12.88 -22.88
CA ASP A 258 -2.89 -13.01 -22.81
C ASP A 258 -3.36 -14.33 -23.39
N LYS A 259 -2.62 -14.83 -24.39
CA LYS A 259 -2.96 -16.09 -25.04
C LYS A 259 -2.74 -17.30 -24.13
N LYS A 260 -1.84 -17.18 -23.15
CA LYS A 260 -1.44 -18.29 -22.32
C LYS A 260 -2.48 -18.58 -21.24
N GLU A 261 -2.33 -19.76 -20.64
CA GLU A 261 -3.13 -20.15 -19.49
C GLU A 261 -2.67 -19.43 -18.24
N PRO A 262 -3.54 -19.31 -17.23
CA PRO A 262 -3.13 -18.67 -15.97
C PRO A 262 -2.05 -19.48 -15.27
N SER A 263 -1.06 -18.77 -14.73
CA SER A 263 0.02 -19.37 -13.93
C SER A 263 0.80 -20.42 -14.71
N SER A 264 0.96 -20.21 -16.02
CA SER A 264 1.63 -21.19 -16.88
C SER A 264 3.02 -20.76 -17.34
N THR A 265 3.46 -19.55 -17.04
CA THR A 265 4.66 -18.99 -17.63
C THR A 265 5.67 -18.57 -16.57
N VAL A 266 6.95 -18.71 -16.91
CA VAL A 266 8.05 -18.26 -16.05
C VAL A 266 8.74 -17.09 -16.72
N PHE A 267 9.11 -16.10 -15.93
CA PHE A 267 9.97 -15.01 -16.40
C PHE A 267 11.39 -15.41 -16.07
N VAL A 268 12.30 -15.22 -17.02
CA VAL A 268 13.71 -15.61 -16.82
C VAL A 268 14.59 -14.38 -16.95
N SER A 269 15.23 -13.98 -15.85
CA SER A 269 16.18 -12.87 -15.86
C SER A 269 17.33 -13.14 -14.91
N PHE A 270 18.52 -12.69 -15.32
CA PHE A 270 19.73 -12.79 -14.50
C PHE A 270 20.29 -11.42 -14.13
N GLY A 271 19.45 -10.39 -14.20
CA GLY A 271 19.78 -9.08 -13.70
C GLY A 271 20.33 -8.11 -14.73
N SER A 272 20.75 -6.96 -14.20
CA SER A 272 21.30 -5.88 -15.01
C SER A 272 22.82 -5.90 -15.11
N GLU A 273 23.52 -6.72 -14.32
CA GLU A 273 24.97 -6.67 -14.28
C GLU A 273 25.67 -7.98 -14.64
N TYR A 274 24.96 -9.09 -14.76
CA TYR A 274 25.59 -10.39 -14.96
C TYR A 274 25.24 -10.97 -16.33
N PHE A 275 26.27 -11.42 -17.05
CA PHE A 275 26.14 -12.07 -18.34
C PHE A 275 26.42 -13.57 -18.19
N PRO A 276 25.39 -14.41 -18.13
CA PRO A 276 25.61 -15.86 -17.97
C PRO A 276 26.52 -16.45 -19.05
N SER A 277 27.30 -17.44 -18.64
CA SER A 277 28.24 -18.08 -19.56
C SER A 277 27.51 -18.89 -20.62
N LYS A 278 28.25 -19.26 -21.67
CA LYS A 278 27.64 -20.11 -22.69
C LYS A 278 27.20 -21.44 -22.06
N GLU A 279 28.03 -21.98 -21.17
CA GLU A 279 27.71 -23.21 -20.45
C GLU A 279 26.51 -23.03 -19.55
N GLU A 280 26.45 -21.91 -18.83
CA GLU A 280 25.35 -21.70 -17.89
C GLU A 280 24.02 -21.58 -18.64
N MET A 281 24.00 -20.81 -19.72
CA MET A 281 22.76 -20.62 -20.46
C MET A 281 22.35 -21.89 -21.20
N GLU A 282 23.30 -22.76 -21.54
CA GLU A 282 22.91 -24.05 -22.10
C GLU A 282 22.08 -24.84 -21.10
N GLU A 283 22.52 -24.87 -19.84
CA GLU A 283 21.77 -25.60 -18.81
C GLU A 283 20.40 -24.97 -18.59
N ILE A 284 20.34 -23.63 -18.55
CA ILE A 284 19.08 -22.95 -18.34
C ILE A 284 18.11 -23.26 -19.47
N ALA A 285 18.61 -23.17 -20.72
CA ALA A 285 17.75 -23.43 -21.87
C ALA A 285 17.25 -24.87 -21.88
N HIS A 286 18.15 -25.84 -21.63
CA HIS A 286 17.73 -27.24 -21.64
C HIS A 286 16.72 -27.51 -20.54
N GLY A 287 16.96 -26.98 -19.34
CA GLY A 287 16.00 -27.15 -18.26
C GLY A 287 14.66 -26.55 -18.62
N LEU A 288 14.68 -25.40 -19.29
CA LEU A 288 13.46 -24.75 -19.75
C LEU A 288 12.74 -25.63 -20.77
N GLU A 289 13.49 -26.17 -21.74
CA GLU A 289 12.88 -26.99 -22.79
C GLU A 289 12.28 -28.27 -22.21
N ALA A 290 13.00 -28.91 -21.28
CA ALA A 290 12.51 -30.14 -20.68
C ALA A 290 11.25 -29.91 -19.85
N SER A 291 11.16 -28.76 -19.19
CA SER A 291 9.97 -28.47 -18.40
C SER A 291 8.73 -28.37 -19.28
N GLU A 292 8.86 -27.87 -20.50
CA GLU A 292 7.74 -27.68 -21.42
C GLU A 292 6.89 -26.50 -20.98
N VAL A 293 7.48 -25.62 -20.17
CA VAL A 293 6.81 -24.44 -19.65
C VAL A 293 6.80 -23.34 -20.72
N ASN A 294 5.91 -22.38 -20.55
CA ASN A 294 6.01 -21.15 -21.31
C ASN A 294 7.07 -20.30 -20.64
N PHE A 295 7.82 -19.52 -21.44
CA PHE A 295 8.82 -18.67 -20.79
C PHE A 295 9.06 -17.39 -21.57
N ILE A 296 9.31 -16.31 -20.82
CA ILE A 296 9.85 -15.07 -21.35
C ILE A 296 11.23 -14.91 -20.73
N TRP A 297 12.25 -14.93 -21.57
CA TRP A 297 13.64 -14.90 -21.15
C TRP A 297 14.28 -13.64 -21.70
N VAL A 298 14.74 -12.75 -20.82
CA VAL A 298 15.48 -11.58 -21.24
C VAL A 298 16.96 -11.95 -21.30
N VAL A 299 17.54 -11.87 -22.49
CA VAL A 299 18.93 -12.18 -22.73
C VAL A 299 19.67 -10.90 -23.10
N ARG A 300 20.81 -10.67 -22.47
CA ARG A 300 21.56 -9.42 -22.59
C ARG A 300 22.95 -9.69 -23.13
N PHE A 301 23.54 -8.67 -23.74
CA PHE A 301 24.87 -8.70 -24.30
C PHE A 301 25.60 -7.43 -23.87
N PRO A 302 26.91 -7.47 -23.71
CA PRO A 302 27.63 -6.28 -23.26
C PRO A 302 27.36 -5.09 -24.16
N GLN A 303 27.24 -3.90 -23.57
CA GLN A 303 26.92 -2.69 -24.31
C GLN A 303 27.89 -2.45 -25.47
N GLU A 311 20.08 -18.64 -31.31
CA GLU A 311 20.89 -17.46 -31.04
C GLU A 311 22.38 -17.84 -31.11
N ASP A 312 23.26 -16.96 -30.68
CA ASP A 312 24.68 -17.27 -30.63
C ASP A 312 25.14 -17.69 -29.23
N ALA A 313 24.33 -17.41 -28.22
CA ALA A 313 24.59 -17.82 -26.85
C ALA A 313 23.61 -18.87 -26.37
N LEU A 314 22.80 -19.43 -27.26
CA LEU A 314 21.79 -20.41 -26.92
C LEU A 314 22.13 -21.72 -27.61
N PRO A 315 21.58 -22.84 -27.13
CA PRO A 315 21.74 -24.11 -27.84
C PRO A 315 21.07 -24.06 -29.19
N LYS A 316 21.60 -24.85 -30.10
CA LYS A 316 21.13 -24.82 -31.48
C LYS A 316 19.73 -25.39 -31.58
N GLY A 317 18.84 -24.65 -32.23
CA GLY A 317 17.47 -25.11 -32.43
C GLY A 317 16.60 -24.96 -31.20
N PHE A 318 17.14 -24.44 -30.10
CA PHE A 318 16.38 -24.37 -28.86
C PHE A 318 15.18 -23.44 -29.00
N LEU A 319 15.40 -22.27 -29.57
CA LEU A 319 14.26 -21.37 -29.72
C LEU A 319 13.29 -21.93 -30.77
N GLU A 320 13.78 -22.63 -31.80
CA GLU A 320 12.87 -23.26 -32.76
C GLU A 320 12.10 -24.41 -32.09
N ARG A 321 12.80 -25.25 -31.32
CA ARG A 321 12.10 -26.35 -30.63
C ARG A 321 11.07 -25.80 -29.65
N ALA A 322 11.41 -24.71 -28.96
CA ALA A 322 10.45 -24.09 -28.04
C ALA A 322 9.25 -23.52 -28.80
N GLY A 323 9.48 -22.93 -29.97
CA GLY A 323 8.40 -22.31 -30.73
C GLY A 323 7.74 -21.20 -29.94
N GLU A 324 6.40 -21.18 -29.97
CA GLU A 324 5.67 -20.13 -29.30
C GLU A 324 5.54 -20.35 -27.79
N ARG A 325 6.01 -21.49 -27.28
CA ARG A 325 6.07 -21.65 -25.82
C ARG A 325 7.00 -20.61 -25.22
N GLY A 326 8.07 -20.29 -25.92
CA GLY A 326 9.10 -19.38 -25.43
C GLY A 326 9.14 -18.10 -26.25
N MET A 327 9.44 -17.01 -25.56
CA MET A 327 9.77 -15.73 -26.19
C MET A 327 11.05 -15.22 -25.55
N VAL A 328 12.01 -14.80 -26.38
CA VAL A 328 13.22 -14.17 -25.87
C VAL A 328 13.11 -12.67 -26.14
N VAL A 329 13.27 -11.87 -25.09
CA VAL A 329 13.28 -10.42 -25.17
C VAL A 329 14.73 -9.98 -25.09
N LYS A 330 15.12 -9.07 -25.97
CA LYS A 330 16.52 -8.67 -26.09
C LYS A 330 16.75 -7.37 -25.32
N GLY A 331 17.82 -7.37 -24.52
CA GLY A 331 18.25 -6.20 -23.76
C GLY A 331 17.53 -5.91 -22.46
N TRP A 332 16.26 -5.53 -22.53
CA TRP A 332 15.53 -5.09 -21.35
C TRP A 332 14.06 -5.44 -21.52
N ALA A 333 13.40 -5.79 -20.41
CA ALA A 333 12.01 -6.18 -20.42
C ALA A 333 11.26 -5.47 -19.31
N PRO A 334 9.93 -5.32 -19.44
CA PRO A 334 9.15 -4.73 -18.33
C PRO A 334 8.91 -5.81 -17.27
N GLN A 335 9.92 -5.97 -16.42
CA GLN A 335 9.91 -7.08 -15.46
C GLN A 335 8.73 -7.00 -14.51
N ALA A 336 8.50 -5.84 -13.91
CA ALA A 336 7.41 -5.71 -12.94
C ALA A 336 6.06 -6.00 -13.60
N LYS A 337 5.87 -5.50 -14.82
CA LYS A 337 4.59 -5.72 -15.50
C LYS A 337 4.36 -7.20 -15.80
N ILE A 338 5.42 -7.89 -16.25
CA ILE A 338 5.29 -9.32 -16.55
C ILE A 338 5.01 -10.12 -15.29
N LEU A 339 5.68 -9.78 -14.18
CA LEU A 339 5.46 -10.49 -12.92
C LEU A 339 4.03 -10.33 -12.44
N LYS A 340 3.42 -9.17 -12.68
CA LYS A 340 2.04 -8.92 -12.28
C LYS A 340 1.00 -9.62 -13.16
N HIS A 341 1.35 -10.00 -14.38
CA HIS A 341 0.38 -10.66 -15.26
C HIS A 341 -0.05 -12.00 -14.67
N TRP A 342 -1.34 -12.31 -14.81
CA TRP A 342 -1.87 -13.57 -14.29
C TRP A 342 -1.33 -14.81 -14.98
N SER A 343 -0.82 -14.72 -16.22
CA SER A 343 -0.21 -15.89 -16.84
C SER A 343 1.11 -16.28 -16.19
N THR A 344 1.77 -15.38 -15.45
CA THR A 344 3.07 -15.68 -14.86
C THR A 344 2.89 -16.48 -13.57
N GLY A 345 3.48 -17.67 -13.53
CA GLY A 345 3.41 -18.53 -12.37
C GLY A 345 4.75 -18.82 -11.71
N GLY A 346 5.81 -18.22 -12.23
CA GLY A 346 7.14 -18.49 -11.72
C GLY A 346 8.19 -17.50 -12.18
N PHE A 347 9.25 -17.34 -11.38
CA PHE A 347 10.31 -16.38 -11.68
C PHE A 347 11.66 -17.09 -11.56
N VAL A 348 12.22 -17.51 -12.69
CA VAL A 348 13.59 -18.04 -12.72
C VAL A 348 14.50 -16.82 -12.65
N SER A 349 15.14 -16.64 -11.50
CA SER A 349 15.83 -15.39 -11.21
C SER A 349 17.21 -15.63 -10.62
N HIS A 350 18.11 -14.66 -10.84
CA HIS A 350 19.40 -14.71 -10.19
C HIS A 350 19.31 -14.37 -8.71
N CYS A 351 18.14 -13.89 -8.26
CA CYS A 351 17.85 -13.56 -6.86
C CYS A 351 18.57 -12.31 -6.39
N GLY A 352 18.80 -11.36 -7.30
CA GLY A 352 19.17 -10.03 -6.84
C GLY A 352 18.05 -9.47 -5.98
N TRP A 353 18.44 -8.72 -4.94
CA TRP A 353 17.49 -8.30 -3.91
C TRP A 353 16.22 -7.68 -4.46
N ASN A 354 16.34 -6.69 -5.35
CA ASN A 354 15.13 -6.03 -5.85
C ASN A 354 14.22 -7.01 -6.59
N SER A 355 14.79 -7.90 -7.40
CA SER A 355 13.98 -8.92 -8.06
C SER A 355 13.30 -9.82 -7.04
N VAL A 356 14.01 -10.18 -5.98
CA VAL A 356 13.41 -10.99 -4.93
C VAL A 356 12.27 -10.23 -4.26
N MET A 357 12.51 -8.95 -3.94
CA MET A 357 11.46 -8.16 -3.31
C MET A 357 10.27 -8.00 -4.24
N GLU A 358 10.52 -7.75 -5.52
CA GLU A 358 9.42 -7.62 -6.47
C GLU A 358 8.61 -8.90 -6.57
N SER A 359 9.29 -10.05 -6.64
CA SER A 359 8.57 -11.32 -6.78
C SER A 359 7.71 -11.57 -5.56
N MET A 360 8.22 -11.24 -4.37
CA MET A 360 7.45 -11.47 -3.15
C MET A 360 6.26 -10.52 -3.07
N MET A 361 6.45 -9.25 -3.45
CA MET A 361 5.35 -8.30 -3.44
C MET A 361 4.21 -8.77 -4.33
N PHE A 362 4.54 -9.29 -5.52
CA PHE A 362 3.56 -9.71 -6.51
C PHE A 362 3.15 -11.17 -6.36
N GLY A 363 3.70 -11.90 -5.38
CA GLY A 363 3.24 -13.25 -5.13
C GLY A 363 3.70 -14.30 -6.13
N VAL A 364 4.78 -14.06 -6.87
CA VAL A 364 5.30 -15.01 -7.84
C VAL A 364 6.37 -15.85 -7.14
N PRO A 365 6.21 -17.17 -7.06
CA PRO A 365 7.28 -18.00 -6.48
C PRO A 365 8.55 -17.94 -7.31
N ILE A 366 9.68 -17.88 -6.61
CA ILE A 366 11.00 -17.77 -7.22
C ILE A 366 11.59 -19.16 -7.41
N ILE A 367 12.10 -19.43 -8.60
CA ILE A 367 12.97 -20.57 -8.85
C ILE A 367 14.39 -20.00 -8.94
N GLY A 368 15.13 -20.12 -7.84
CA GLY A 368 16.40 -19.41 -7.72
C GLY A 368 17.54 -20.04 -8.47
N VAL A 369 18.25 -19.23 -9.25
CA VAL A 369 19.50 -19.63 -9.91
C VAL A 369 20.55 -18.58 -9.58
N PRO A 370 20.99 -18.48 -8.32
CA PRO A 370 21.93 -17.41 -7.94
C PRO A 370 23.25 -17.52 -8.68
N MET A 371 23.88 -16.37 -8.91
CA MET A 371 25.13 -16.31 -9.65
C MET A 371 26.32 -15.91 -8.79
N HIS A 372 26.24 -14.81 -8.05
CA HIS A 372 27.40 -14.32 -7.29
C HIS A 372 26.95 -13.29 -6.27
N VAL A 373 27.90 -12.86 -5.44
CA VAL A 373 27.70 -11.83 -4.42
C VAL A 373 26.63 -12.28 -3.43
N ASP A 374 25.69 -11.39 -3.10
CA ASP A 374 24.66 -11.72 -2.11
C ASP A 374 23.62 -12.68 -2.64
N GLN A 375 23.62 -12.99 -3.93
CA GLN A 375 22.53 -13.80 -4.50
C GLN A 375 22.39 -15.18 -3.86
N PRO A 376 23.45 -15.96 -3.60
CA PRO A 376 23.22 -17.25 -2.93
C PRO A 376 22.56 -17.09 -1.57
N PHE A 377 22.93 -16.05 -0.82
CA PHE A 377 22.27 -15.79 0.47
C PHE A 377 20.81 -15.44 0.26
N ASN A 378 20.51 -14.63 -0.76
CA ASN A 378 19.12 -14.30 -1.06
C ASN A 378 18.33 -15.55 -1.41
N ALA A 379 18.93 -16.47 -2.18
CA ALA A 379 18.25 -17.70 -2.54
C ALA A 379 17.95 -18.55 -1.31
N GLY A 380 18.90 -18.62 -0.37
CA GLY A 380 18.66 -19.35 0.85
C GLY A 380 17.51 -18.75 1.65
N LEU A 381 17.45 -17.42 1.72
CA LEU A 381 16.39 -16.73 2.45
C LEU A 381 15.03 -17.05 1.84
N VAL A 382 14.94 -17.05 0.51
CA VAL A 382 13.70 -17.41 -0.16
C VAL A 382 13.30 -18.84 0.20
N GLU A 383 14.28 -19.73 0.24
CA GLU A 383 14.05 -21.13 0.54
C GLU A 383 13.55 -21.31 1.97
N GLU A 384 14.19 -20.67 2.97
CA GLU A 384 13.66 -20.91 4.33
C GLU A 384 12.30 -20.30 4.50
N ALA A 385 12.04 -19.15 3.88
CA ALA A 385 10.73 -18.51 4.00
C ALA A 385 9.63 -19.37 3.39
N GLY A 386 9.97 -20.29 2.49
CA GLY A 386 9.00 -21.14 1.84
C GLY A 386 8.30 -20.52 0.66
N VAL A 387 8.63 -19.28 0.30
CA VAL A 387 8.01 -18.62 -0.85
C VAL A 387 8.55 -19.13 -2.18
N GLY A 388 9.75 -19.70 -2.21
CA GLY A 388 10.31 -20.19 -3.45
C GLY A 388 11.27 -21.36 -3.27
N VAL A 389 11.96 -21.76 -4.34
CA VAL A 389 12.89 -22.87 -4.30
C VAL A 389 14.18 -22.46 -4.99
N GLU A 390 15.27 -23.15 -4.63
CA GLU A 390 16.58 -22.91 -5.21
C GLU A 390 17.05 -24.11 -6.01
N ALA A 391 17.49 -23.88 -7.24
CA ALA A 391 18.09 -24.91 -8.05
C ALA A 391 19.53 -25.10 -7.57
N LYS A 392 19.82 -26.26 -6.99
CA LYS A 392 21.13 -26.50 -6.40
C LYS A 392 22.16 -26.76 -7.48
N ARG A 393 23.37 -26.24 -7.28
CA ARG A 393 24.49 -26.52 -8.16
C ARG A 393 25.12 -27.85 -7.78
N ASP A 394 25.85 -28.44 -8.73
CA ASP A 394 26.56 -29.69 -8.46
C ASP A 394 27.80 -29.40 -7.63
N PRO A 395 28.49 -30.43 -7.12
CA PRO A 395 29.67 -30.17 -6.29
C PRO A 395 30.77 -29.39 -6.97
N ASP A 396 30.79 -29.35 -8.31
CA ASP A 396 31.77 -28.56 -9.04
C ASP A 396 31.27 -27.17 -9.38
N GLY A 397 30.14 -26.76 -8.81
CA GLY A 397 29.61 -25.41 -8.96
C GLY A 397 28.85 -25.10 -10.23
N LYS A 398 28.32 -26.11 -10.90
CA LYS A 398 27.68 -25.93 -12.20
C LYS A 398 26.15 -26.00 -12.11
N ILE A 399 25.51 -25.21 -12.96
CA ILE A 399 24.06 -25.26 -13.11
C ILE A 399 23.67 -26.61 -13.69
N GLN A 400 22.56 -27.16 -13.19
CA GLN A 400 22.09 -28.48 -13.56
C GLN A 400 20.77 -28.34 -14.29
N ARG A 401 20.71 -28.81 -15.54
CA ARG A 401 19.47 -28.68 -16.31
C ARG A 401 18.35 -29.48 -15.66
N ASP A 402 18.68 -30.66 -15.11
CA ASP A 402 17.66 -31.51 -14.51
C ASP A 402 17.02 -30.83 -13.29
N GLU A 403 17.84 -30.19 -12.45
CA GLU A 403 17.29 -29.48 -11.30
C GLU A 403 16.40 -28.33 -11.77
N VAL A 404 16.85 -27.60 -12.79
CA VAL A 404 16.05 -26.51 -13.34
C VAL A 404 14.73 -27.05 -13.86
N ALA A 405 14.77 -28.18 -14.55
CA ALA A 405 13.53 -28.71 -15.15
C ALA A 405 12.57 -29.19 -14.07
N LYS A 406 13.10 -29.88 -13.06
CA LYS A 406 12.23 -30.47 -12.01
C LYS A 406 11.49 -29.38 -11.23
N LEU A 407 12.19 -28.33 -10.83
CA LEU A 407 11.57 -27.28 -10.00
C LEU A 407 10.47 -26.54 -10.79
N ILE A 408 10.72 -26.22 -12.06
CA ILE A 408 9.70 -25.56 -12.92
C ILE A 408 8.51 -26.51 -13.08
N LYS A 409 8.77 -27.80 -13.25
CA LYS A 409 7.68 -28.79 -13.41
C LYS A 409 6.85 -28.84 -12.11
N GLU A 410 7.52 -28.83 -10.97
CA GLU A 410 6.81 -28.95 -9.67
C GLU A 410 6.15 -27.63 -9.31
N VAL A 411 6.87 -26.53 -9.43
CA VAL A 411 6.32 -25.26 -8.97
C VAL A 411 5.27 -24.73 -9.94
N VAL A 412 5.51 -24.84 -11.25
CA VAL A 412 4.72 -24.13 -12.25
C VAL A 412 3.88 -25.09 -13.11
N VAL A 413 4.51 -26.07 -13.76
CA VAL A 413 3.80 -26.86 -14.76
C VAL A 413 2.79 -27.79 -14.12
N GLU A 414 3.23 -28.58 -13.13
CA GLU A 414 2.35 -29.56 -12.52
C GLU A 414 1.75 -29.06 -11.22
N LYS A 415 2.32 -27.99 -10.65
CA LYS A 415 1.83 -27.37 -9.43
C LYS A 415 1.70 -28.40 -8.31
N THR A 416 2.74 -29.20 -8.14
CA THR A 416 2.80 -30.16 -7.05
C THR A 416 3.46 -29.56 -5.82
N ARG A 417 3.80 -28.28 -5.87
CA ARG A 417 4.36 -27.57 -4.73
C ARG A 417 3.39 -26.48 -4.30
N GLU A 418 2.15 -26.89 -3.98
CA GLU A 418 1.14 -25.93 -3.56
C GLU A 418 1.53 -25.23 -2.26
N ASP A 419 2.35 -25.87 -1.42
CA ASP A 419 2.85 -25.21 -0.22
C ASP A 419 3.62 -23.94 -0.56
N VAL A 420 4.47 -24.00 -1.60
CA VAL A 420 5.23 -22.82 -2.00
C VAL A 420 4.31 -21.73 -2.52
N ARG A 421 3.34 -22.10 -3.35
CA ARG A 421 2.39 -21.13 -3.88
C ARG A 421 1.54 -20.52 -2.77
N LYS A 422 1.16 -21.31 -1.78
CA LYS A 422 0.40 -20.77 -0.66
C LYS A 422 1.25 -19.79 0.15
N LYS A 423 2.51 -20.11 0.38
CA LYS A 423 3.38 -19.19 1.13
C LYS A 423 3.60 -17.90 0.35
N ALA A 424 3.80 -18.01 -0.96
CA ALA A 424 4.06 -16.81 -1.77
C ALA A 424 2.88 -15.86 -1.72
N ARG A 425 1.65 -16.40 -1.82
CA ARG A 425 0.46 -15.56 -1.77
C ARG A 425 0.30 -14.91 -0.39
N GLU A 426 0.53 -15.68 0.68
CA GLU A 426 0.46 -15.12 2.01
C GLU A 426 1.46 -13.98 2.19
N MET A 427 2.69 -14.18 1.68
CA MET A 427 3.72 -13.15 1.78
C MET A 427 3.32 -11.91 0.99
N SER A 428 2.74 -12.10 -0.19
CA SER A 428 2.29 -10.96 -1.00
C SER A 428 1.23 -10.16 -0.24
N GLU A 429 0.30 -10.86 0.39
CA GLU A 429 -0.76 -10.18 1.11
C GLU A 429 -0.21 -9.36 2.28
N ILE A 430 0.80 -9.90 2.97
CA ILE A 430 1.47 -9.15 4.03
C ILE A 430 2.10 -7.88 3.45
N LEU A 431 2.83 -8.02 2.35
CA LEU A 431 3.53 -6.88 1.77
C LEU A 431 2.55 -5.85 1.23
N ARG A 432 1.47 -6.30 0.57
CA ARG A 432 0.45 -5.37 0.10
C ARG A 432 -0.20 -4.62 1.25
N SER A 433 -0.32 -5.26 2.42
CA SER A 433 -0.96 -4.68 3.59
C SER A 433 -0.18 -3.54 4.21
N LYS A 434 1.08 -3.34 3.84
CA LYS A 434 1.88 -2.32 4.48
C LYS A 434 1.51 -0.94 3.92
N GLY A 435 1.43 0.04 4.82
CA GLY A 435 1.10 1.38 4.41
C GLY A 435 2.19 2.38 4.73
N GLU A 436 1.82 3.64 4.95
CA GLU A 436 2.78 4.71 5.14
C GLU A 436 3.55 4.59 6.46
N GLU A 437 3.08 3.75 7.40
CA GLU A 437 3.84 3.54 8.62
C GLU A 437 5.23 2.98 8.33
N LYS A 438 5.42 2.40 7.14
CA LYS A 438 6.69 1.82 6.74
C LYS A 438 7.86 2.78 6.93
N PHE A 439 7.62 4.08 6.76
CA PHE A 439 8.66 5.11 6.84
C PHE A 439 8.68 5.88 8.16
N ASP A 440 7.81 5.58 9.12
CA ASP A 440 7.74 6.40 10.33
C ASP A 440 9.05 6.36 11.12
N GLU A 441 9.60 5.16 11.33
CA GLU A 441 10.82 5.05 12.12
C GLU A 441 11.98 5.81 11.46
N MET A 442 12.08 5.74 10.14
CA MET A 442 13.12 6.49 9.43
C MET A 442 12.98 7.99 9.68
N VAL A 443 11.75 8.51 9.59
CA VAL A 443 11.51 9.94 9.75
C VAL A 443 11.87 10.39 11.15
N ALA A 444 11.49 9.61 12.17
CA ALA A 444 11.84 9.97 13.54
C ALA A 444 13.36 9.98 13.73
N GLU A 445 14.06 8.98 13.19
CA GLU A 445 15.50 8.92 13.35
C GLU A 445 16.19 10.08 12.64
N ILE A 446 15.73 10.45 11.44
CA ILE A 446 16.38 11.53 10.73
C ILE A 446 16.26 12.84 11.51
N SER A 447 15.07 13.10 12.06
CA SER A 447 14.87 14.33 12.82
C SER A 447 15.80 14.40 14.03
N LEU A 448 15.95 13.28 14.75
CA LEU A 448 16.89 13.23 15.86
C LEU A 448 18.31 13.49 15.35
N LEU A 449 18.68 12.85 14.24
CA LEU A 449 19.97 13.03 13.61
C LEU A 449 20.30 14.50 13.37
N LEU A 450 19.35 15.22 12.80
CA LEU A 450 19.56 16.61 12.46
C LEU A 450 19.73 17.46 13.72
N LYS A 451 18.85 17.26 14.71
CA LYS A 451 18.90 18.07 15.93
C LYS A 451 20.20 17.82 16.70
N ILE A 452 20.70 16.59 16.73
CA ILE A 452 21.91 16.32 17.51
C ILE A 452 23.12 16.93 16.82
N GLU A 453 23.30 16.66 15.53
CA GLU A 453 24.50 17.13 14.84
C GLU A 453 24.50 18.65 14.66
N HIS A 454 23.34 19.29 14.71
CA HIS A 454 23.28 20.75 14.61
C HIS A 454 24.06 21.40 15.73
N HIS A 455 23.93 20.89 16.95
CA HIS A 455 24.61 21.48 18.14
C HIS A 455 26.13 21.31 18.04
N HIS A 456 26.60 20.15 17.62
CA HIS A 456 28.06 19.86 17.59
C HIS A 456 28.66 20.29 16.26
N HIS A 457 27.85 20.78 15.33
CA HIS A 457 28.33 21.16 13.97
C HIS A 457 29.33 20.12 13.49
N THR B 9 5.15 25.36 11.68
CA THR B 9 4.42 24.12 11.44
C THR B 9 2.95 24.45 11.12
N THR B 10 2.47 23.94 9.98
CA THR B 10 1.10 24.18 9.57
C THR B 10 0.13 23.32 10.38
N THR B 11 -0.91 23.97 10.92
CA THR B 11 -1.88 23.31 11.78
C THR B 11 -3.23 23.18 11.09
N ILE B 12 -3.81 21.97 11.17
CA ILE B 12 -5.13 21.68 10.63
C ILE B 12 -6.03 21.21 11.77
N LEU B 13 -7.21 21.79 11.87
CA LEU B 13 -8.23 21.25 12.77
C LEU B 13 -9.23 20.48 11.91
N MET B 14 -9.51 19.25 12.31
CA MET B 14 -10.42 18.39 11.57
C MET B 14 -11.67 18.16 12.40
N LEU B 15 -12.83 18.32 11.76
CA LEU B 15 -14.12 18.27 12.42
C LEU B 15 -15.04 17.28 11.69
N PRO B 16 -14.94 16.00 12.02
CA PRO B 16 -15.85 15.03 11.41
C PRO B 16 -17.26 15.17 11.96
N TRP B 17 -18.21 14.60 11.22
CA TRP B 17 -19.54 14.41 11.75
C TRP B 17 -19.48 13.35 12.87
N LEU B 18 -20.52 13.28 13.67
CA LEU B 18 -20.53 12.45 14.88
C LEU B 18 -20.84 10.98 14.62
N GLY B 19 -20.79 10.51 13.38
CA GLY B 19 -20.91 9.09 13.12
C GLY B 19 -19.57 8.38 13.11
N TYR B 20 -19.58 7.13 13.57
CA TYR B 20 -18.34 6.38 13.71
C TYR B 20 -17.63 6.25 12.37
N GLY B 21 -18.39 6.01 11.29
CA GLY B 21 -17.78 5.92 9.98
C GLY B 21 -17.09 7.21 9.56
N HIS B 22 -17.72 8.34 9.87
CA HIS B 22 -17.10 9.62 9.56
C HIS B 22 -15.84 9.81 10.41
N LEU B 23 -15.89 9.41 11.68
CA LEU B 23 -14.70 9.47 12.52
C LEU B 23 -13.57 8.64 11.93
N SER B 24 -13.88 7.42 11.47
CA SER B 24 -12.85 6.54 10.96
C SER B 24 -12.15 7.15 9.75
N ALA B 25 -12.94 7.63 8.78
CA ALA B 25 -12.36 8.20 7.57
C ALA B 25 -11.53 9.43 7.89
N PHE B 26 -12.03 10.30 8.78
CA PHE B 26 -11.28 11.50 9.16
C PHE B 26 -9.96 11.13 9.82
N LEU B 27 -9.95 10.07 10.66
CA LEU B 27 -8.73 9.68 11.35
C LEU B 27 -7.67 9.19 10.36
N GLU B 28 -8.09 8.40 9.37
CA GLU B 28 -7.14 7.95 8.34
C GLU B 28 -6.57 9.13 7.57
N LEU B 29 -7.41 10.13 7.25
CA LEU B 29 -6.89 11.32 6.58
C LEU B 29 -5.93 12.07 7.48
N ALA B 30 -6.24 12.13 8.79
CA ALA B 30 -5.35 12.77 9.74
C ALA B 30 -3.98 12.11 9.79
N LYS B 31 -3.94 10.77 9.74
CA LYS B 31 -2.65 10.09 9.72
C LYS B 31 -1.84 10.46 8.47
N SER B 32 -2.48 10.45 7.31
CA SER B 32 -1.81 10.85 6.08
C SER B 32 -1.25 12.26 6.22
N LEU B 33 -2.07 13.18 6.75
CA LEU B 33 -1.62 14.56 6.90
C LEU B 33 -0.48 14.66 7.90
N SER B 34 -0.56 13.90 9.00
CA SER B 34 0.48 13.95 10.02
C SER B 34 1.82 13.53 9.45
N ARG B 35 1.83 12.49 8.61
CA ARG B 35 3.07 12.00 8.05
C ARG B 35 3.66 13.00 7.07
N ARG B 36 2.85 13.94 6.59
CA ARG B 36 3.29 14.97 5.65
C ARG B 36 3.55 16.28 6.39
N ASN B 37 3.78 16.18 7.70
CA ASN B 37 4.25 17.25 8.59
C ASN B 37 3.22 18.33 8.90
N PHE B 38 1.92 18.01 8.86
CA PHE B 38 0.89 18.91 9.33
C PHE B 38 0.53 18.53 10.76
N HIS B 39 0.45 19.53 11.65
CA HIS B 39 -0.05 19.28 13.00
C HIS B 39 -1.57 19.24 12.99
N ILE B 40 -2.15 18.21 13.60
CA ILE B 40 -3.58 17.94 13.55
C ILE B 40 -4.22 18.15 14.91
N TYR B 41 -5.25 18.99 14.96
CA TYR B 41 -6.16 19.08 16.09
C TYR B 41 -7.41 18.32 15.68
N PHE B 42 -7.59 17.11 16.21
CA PHE B 42 -8.71 16.26 15.84
C PHE B 42 -9.85 16.50 16.84
N CYS B 43 -10.93 17.11 16.38
CA CYS B 43 -11.98 17.64 17.25
C CYS B 43 -13.29 16.89 17.10
N SER B 44 -13.84 16.43 18.22
N SER B 44 -13.85 16.44 18.23
CA SER B 44 -15.15 15.76 18.26
CA SER B 44 -15.12 15.74 18.28
C SER B 44 -15.59 15.67 19.72
C SER B 44 -15.56 15.64 19.73
N THR B 45 -16.70 14.98 19.96
CA THR B 45 -17.19 14.80 21.31
C THR B 45 -16.35 13.76 22.04
N SER B 46 -16.35 13.83 23.37
CA SER B 46 -15.51 12.93 24.17
C SER B 46 -15.81 11.47 23.87
N VAL B 47 -17.09 11.11 23.71
CA VAL B 47 -17.43 9.70 23.48
C VAL B 47 -16.84 9.22 22.16
N ASN B 48 -16.94 10.06 21.11
CA ASN B 48 -16.37 9.72 19.81
C ASN B 48 -14.85 9.67 19.85
N LEU B 49 -14.22 10.65 20.51
CA LEU B 49 -12.76 10.66 20.58
C LEU B 49 -12.25 9.42 21.30
N ASP B 50 -12.92 9.03 22.38
CA ASP B 50 -12.56 7.81 23.08
C ASP B 50 -12.82 6.58 22.22
N ALA B 51 -13.87 6.62 21.40
CA ALA B 51 -14.22 5.47 20.58
C ALA B 51 -13.15 5.14 19.54
N ILE B 52 -12.56 6.15 18.92
CA ILE B 52 -11.58 5.90 17.86
C ILE B 52 -10.15 5.91 18.37
N LYS B 53 -9.90 6.33 19.61
CA LYS B 53 -8.51 6.45 20.04
C LYS B 53 -7.73 5.14 19.92
N PRO B 54 -8.29 3.95 20.14
CA PRO B 54 -7.48 2.73 19.96
C PRO B 54 -6.90 2.57 18.57
N LYS B 55 -7.45 3.21 17.55
CA LYS B 55 -6.92 3.09 16.20
C LYS B 55 -5.80 4.07 15.91
N LEU B 56 -5.47 4.94 16.87
CA LEU B 56 -4.36 5.89 16.72
C LEU B 56 -3.14 5.41 17.47
N PRO B 57 -2.06 5.01 16.79
CA PRO B 57 -0.87 4.53 17.50
C PRO B 57 -0.24 5.62 18.35
N SER B 58 0.51 5.18 19.37
CA SER B 58 1.16 6.10 20.30
C SER B 58 2.14 7.03 19.60
N SER B 59 2.75 6.58 18.50
CA SER B 59 3.69 7.41 17.76
C SER B 59 3.05 8.72 17.29
N PHE B 60 1.73 8.73 17.08
CA PHE B 60 1.06 9.96 16.66
C PHE B 60 0.73 10.90 17.81
N SER B 61 1.12 10.58 19.06
CA SER B 61 0.70 11.41 20.19
C SER B 61 1.19 12.85 20.05
N ASP B 62 2.39 13.03 19.52
CA ASP B 62 2.92 14.38 19.31
C ASP B 62 2.20 15.11 18.17
N SER B 63 1.87 14.41 17.08
CA SER B 63 1.39 15.11 15.89
C SER B 63 -0.13 15.23 15.81
N ILE B 64 -0.88 14.30 16.37
CA ILE B 64 -2.34 14.33 16.34
C ILE B 64 -2.88 14.49 17.76
N GLN B 65 -3.51 15.63 18.03
CA GLN B 65 -4.06 15.97 19.34
C GLN B 65 -5.58 15.91 19.32
N PHE B 66 -6.17 15.22 20.30
CA PHE B 66 -7.62 15.13 20.42
C PHE B 66 -8.16 16.34 21.17
N VAL B 67 -9.00 17.11 20.49
CA VAL B 67 -9.58 18.36 21.01
C VAL B 67 -11.09 18.15 21.21
N GLU B 68 -11.55 18.36 22.44
CA GLU B 68 -12.94 18.03 22.80
C GLU B 68 -13.89 19.14 22.38
N LEU B 69 -14.95 18.77 21.67
CA LEU B 69 -16.08 19.66 21.42
C LEU B 69 -17.17 19.34 22.43
N HIS B 70 -17.66 20.37 23.12
CA HIS B 70 -18.71 20.22 24.12
C HIS B 70 -20.08 20.51 23.54
N LEU B 71 -20.96 19.51 23.62
CA LEU B 71 -22.38 19.67 23.32
C LEU B 71 -23.13 19.86 24.64
N PRO B 72 -24.25 20.59 24.65
CA PRO B 72 -25.04 20.69 25.90
C PRO B 72 -25.43 19.30 26.40
N SER B 73 -25.29 19.10 27.71
CA SER B 73 -25.58 17.82 28.33
C SER B 73 -26.56 17.99 29.49
N SER B 74 -27.31 16.93 29.76
CA SER B 74 -28.21 16.83 30.88
C SER B 74 -28.03 15.45 31.50
N PRO B 75 -28.51 15.24 32.75
CA PRO B 75 -28.38 13.92 33.36
C PRO B 75 -28.85 12.76 32.48
N GLU B 76 -29.92 12.95 31.72
CA GLU B 76 -30.43 11.89 30.86
C GLU B 76 -29.86 11.92 29.44
N PHE B 77 -29.28 13.03 29.01
CA PHE B 77 -28.58 13.14 27.73
C PHE B 77 -27.11 13.46 28.02
N PRO B 78 -26.38 12.53 28.64
CA PRO B 78 -25.00 12.80 29.03
C PRO B 78 -24.07 12.71 27.84
N PRO B 79 -22.79 13.13 28.00
CA PRO B 79 -21.86 13.08 26.86
C PRO B 79 -21.68 11.71 26.24
N HIS B 80 -21.79 10.61 26.99
CA HIS B 80 -21.65 9.29 26.38
C HIS B 80 -22.68 9.03 25.28
N LEU B 81 -23.75 9.82 25.22
CA LEU B 81 -24.75 9.67 24.15
C LEU B 81 -24.57 10.66 23.00
N HIS B 82 -23.52 11.48 23.01
CA HIS B 82 -23.33 12.52 21.99
C HIS B 82 -22.65 11.96 20.75
N THR B 83 -23.33 10.98 20.14
CA THR B 83 -22.83 10.27 18.97
C THR B 83 -24.00 9.53 18.34
N THR B 84 -23.88 9.24 17.05
CA THR B 84 -24.90 8.44 16.39
C THR B 84 -24.63 6.95 16.54
N ASN B 85 -23.50 6.58 17.13
CA ASN B 85 -23.12 5.18 17.30
C ASN B 85 -24.00 4.57 18.38
N GLY B 86 -24.91 3.68 17.96
CA GLY B 86 -25.79 3.02 18.91
C GLY B 86 -26.87 3.90 19.50
N LEU B 87 -27.06 5.10 18.95
CA LEU B 87 -28.04 6.02 19.54
C LEU B 87 -29.46 5.54 19.24
N PRO B 88 -30.35 5.60 20.22
CA PRO B 88 -31.76 5.34 19.95
C PRO B 88 -32.26 6.30 18.89
N PRO B 89 -33.00 5.83 17.89
CA PRO B 89 -33.45 6.75 16.83
C PRO B 89 -34.29 7.90 17.37
N THR B 90 -34.97 7.70 18.50
CA THR B 90 -35.78 8.75 19.09
C THR B 90 -34.95 9.87 19.71
N LEU B 91 -33.63 9.71 19.81
CA LEU B 91 -32.78 10.77 20.32
C LEU B 91 -32.03 11.54 19.24
N MET B 92 -32.20 11.15 17.97
CA MET B 92 -31.58 11.92 16.90
C MET B 92 -32.03 13.38 16.92
N PRO B 93 -33.30 13.71 17.20
CA PRO B 93 -33.65 15.14 17.33
C PRO B 93 -32.80 15.87 18.35
N ALA B 94 -32.60 15.26 19.52
CA ALA B 94 -31.78 15.87 20.56
C ALA B 94 -30.32 15.97 20.13
N LEU B 95 -29.81 14.95 19.44
CA LEU B 95 -28.41 15.00 18.99
C LEU B 95 -28.18 16.14 18.01
N HIS B 96 -29.08 16.27 17.03
CA HIS B 96 -28.93 17.35 16.06
C HIS B 96 -29.08 18.71 16.73
N GLN B 97 -30.03 18.84 17.66
CA GLN B 97 -30.24 20.12 18.32
C GLN B 97 -29.02 20.50 19.15
N ALA B 98 -28.50 19.56 19.94
CA ALA B 98 -27.31 19.86 20.75
C ALA B 98 -26.13 20.22 19.87
N PHE B 99 -25.99 19.53 18.74
CA PHE B 99 -24.89 19.81 17.82
C PHE B 99 -24.96 21.25 17.34
N SER B 100 -26.17 21.71 16.99
CA SER B 100 -26.36 23.10 16.59
C SER B 100 -25.94 24.06 17.68
N MET B 101 -26.27 23.75 18.94
CA MET B 101 -25.91 24.63 20.05
C MET B 101 -24.41 24.62 20.36
N ALA B 102 -23.64 23.66 19.85
CA ALA B 102 -22.21 23.63 20.12
C ALA B 102 -21.42 24.63 19.28
N ALA B 103 -22.10 25.42 18.44
CA ALA B 103 -21.41 26.34 17.55
C ALA B 103 -20.59 27.37 18.31
N GLN B 104 -21.10 27.85 19.44
CA GLN B 104 -20.35 28.82 20.24
C GLN B 104 -19.07 28.21 20.80
N HIS B 105 -19.11 26.97 21.28
CA HIS B 105 -17.89 26.34 21.77
C HIS B 105 -16.87 26.14 20.64
N PHE B 106 -17.36 25.79 19.45
CA PHE B 106 -16.46 25.64 18.31
C PHE B 106 -15.71 26.94 18.01
N GLU B 107 -16.41 28.07 18.10
CA GLU B 107 -15.75 29.35 17.89
C GLU B 107 -14.66 29.61 18.93
N SER B 108 -14.94 29.26 20.19
CA SER B 108 -13.93 29.43 21.24
C SER B 108 -12.71 28.57 20.96
N ILE B 109 -12.92 27.35 20.45
CA ILE B 109 -11.81 26.46 20.12
C ILE B 109 -10.98 27.06 19.00
N LEU B 110 -11.64 27.47 17.91
CA LEU B 110 -10.93 28.05 16.77
C LEU B 110 -10.21 29.33 17.13
N GLN B 111 -10.81 30.15 17.98
CA GLN B 111 -10.19 31.42 18.36
C GLN B 111 -8.86 31.15 19.10
N THR B 112 -8.86 30.14 19.99
CA THR B 112 -7.68 29.78 20.78
C THR B 112 -6.62 29.06 19.95
N LEU B 113 -7.03 28.00 19.24
CA LEU B 113 -6.08 27.22 18.46
C LEU B 113 -5.64 27.96 17.21
N ALA B 114 -6.55 28.72 16.61
CA ALA B 114 -6.28 29.48 15.39
C ALA B 114 -5.62 28.62 14.30
N PRO B 115 -6.24 27.51 13.92
CA PRO B 115 -5.63 26.64 12.89
C PRO B 115 -5.47 27.39 11.57
N HIS B 116 -4.43 27.00 10.84
CA HIS B 116 -4.24 27.51 9.48
C HIS B 116 -5.36 27.06 8.56
N LEU B 117 -5.88 25.85 8.77
CA LEU B 117 -6.89 25.26 7.91
C LEU B 117 -7.90 24.49 8.75
N LEU B 118 -9.15 24.49 8.29
CA LEU B 118 -10.20 23.66 8.86
C LEU B 118 -10.64 22.67 7.81
N ILE B 119 -10.58 21.38 8.14
CA ILE B 119 -11.20 20.35 7.33
C ILE B 119 -12.47 19.93 8.05
N TYR B 120 -13.61 20.12 7.40
CA TYR B 120 -14.90 19.93 8.03
C TYR B 120 -15.71 18.91 7.25
N ASP B 121 -16.53 18.16 7.97
CA ASP B 121 -17.37 17.18 7.32
C ASP B 121 -18.55 17.91 6.67
N SER B 122 -19.19 17.22 5.73
CA SER B 122 -20.31 17.80 5.01
C SER B 122 -21.60 17.78 5.80
N LEU B 123 -21.57 17.75 7.14
CA LEU B 123 -22.83 17.74 7.86
C LEU B 123 -23.01 18.89 8.86
N GLN B 124 -22.12 19.89 8.85
CA GLN B 124 -22.07 20.97 9.85
C GLN B 124 -21.97 22.35 9.22
N PRO B 125 -23.10 22.91 8.82
CA PRO B 125 -23.12 24.22 8.15
C PRO B 125 -22.53 25.35 8.96
N TRP B 126 -22.68 25.33 10.28
CA TRP B 126 -22.07 26.36 11.13
C TRP B 126 -20.54 26.35 11.05
N ALA B 127 -19.94 25.18 10.80
CA ALA B 127 -18.47 25.10 10.85
C ALA B 127 -17.79 25.97 9.80
N PRO B 128 -18.17 25.93 8.51
CA PRO B 128 -17.59 26.89 7.57
C PRO B 128 -17.98 28.35 7.85
N ARG B 129 -19.14 28.57 8.47
N ARG B 129 -19.16 28.59 8.41
CA ARG B 129 -19.54 29.94 8.78
CA ARG B 129 -19.53 29.96 8.76
C ARG B 129 -18.74 30.49 9.95
C ARG B 129 -18.71 30.48 9.94
N VAL B 130 -18.49 29.67 10.98
CA VAL B 130 -17.61 30.11 12.06
C VAL B 130 -16.21 30.36 11.52
N ALA B 131 -15.76 29.49 10.61
CA ALA B 131 -14.41 29.58 10.06
C ALA B 131 -14.25 30.89 9.29
N SER B 132 -15.24 31.22 8.47
CA SER B 132 -15.19 32.43 7.65
C SER B 132 -15.12 33.67 8.54
N SER B 133 -15.87 33.66 9.65
CA SER B 133 -15.84 34.79 10.57
C SER B 133 -14.45 35.01 11.15
N LEU B 134 -13.71 33.94 11.41
CA LEU B 134 -12.39 34.07 12.03
C LEU B 134 -11.26 34.12 11.01
N LYS B 135 -11.59 34.21 9.71
CA LYS B 135 -10.58 34.30 8.65
C LYS B 135 -9.74 33.03 8.61
N ILE B 136 -10.38 31.87 8.77
CA ILE B 136 -9.69 30.59 8.74
C ILE B 136 -10.17 29.85 7.49
N PRO B 137 -9.27 29.46 6.59
CA PRO B 137 -9.67 28.65 5.43
C PRO B 137 -10.29 27.33 5.86
N ALA B 138 -11.35 26.94 5.16
CA ALA B 138 -12.08 25.72 5.50
C ALA B 138 -12.42 24.98 4.21
N ILE B 139 -12.06 23.70 4.17
CA ILE B 139 -12.28 22.86 3.00
C ILE B 139 -13.12 21.65 3.40
N ASN B 140 -14.06 21.28 2.53
CA ASN B 140 -14.99 20.18 2.80
C ASN B 140 -14.37 18.83 2.48
N PHE B 141 -14.42 17.91 3.45
CA PHE B 141 -14.06 16.52 3.23
C PHE B 141 -15.33 15.67 3.27
N ASN B 142 -15.65 15.03 2.15
CA ASN B 142 -16.82 14.17 2.03
C ASN B 142 -16.37 12.74 2.26
N THR B 143 -16.79 12.15 3.39
CA THR B 143 -16.38 10.79 3.72
C THR B 143 -17.08 9.73 2.86
N THR B 144 -18.21 10.04 2.22
CA THR B 144 -18.95 9.02 1.49
C THR B 144 -18.77 9.20 -0.03
N GLY B 145 -19.53 8.40 -0.80
CA GLY B 145 -19.29 8.26 -2.23
C GLY B 145 -19.73 9.43 -3.10
N VAL B 146 -19.15 9.45 -4.31
CA VAL B 146 -19.47 10.44 -5.33
C VAL B 146 -20.84 10.17 -5.95
N PHE B 147 -21.18 8.89 -6.12
CA PHE B 147 -22.36 8.52 -6.90
C PHE B 147 -23.63 9.14 -6.33
N VAL B 148 -23.78 9.10 -5.01
CA VAL B 148 -25.00 9.61 -4.39
C VAL B 148 -25.18 11.11 -4.67
N ILE B 149 -24.09 11.88 -4.58
CA ILE B 149 -24.16 13.32 -4.77
C ILE B 149 -24.50 13.68 -6.20
N SER B 150 -23.81 13.06 -7.17
CA SER B 150 -24.13 13.36 -8.57
C SER B 150 -25.57 12.98 -8.86
N GLN B 151 -26.03 11.85 -8.30
CA GLN B 151 -27.43 11.45 -8.42
C GLN B 151 -28.34 12.47 -7.79
N GLY B 152 -27.93 13.08 -6.69
CA GLY B 152 -28.72 14.14 -6.09
C GLY B 152 -28.76 15.43 -6.92
N LEU B 153 -27.64 15.82 -7.54
CA LEU B 153 -27.55 17.10 -8.23
C LEU B 153 -27.95 17.06 -9.71
N HIS B 154 -28.02 15.88 -10.33
CA HIS B 154 -28.39 15.80 -11.74
C HIS B 154 -29.79 16.33 -12.03
N PRO B 155 -30.87 15.98 -11.27
CA PRO B 155 -32.19 16.49 -11.65
C PRO B 155 -32.30 17.99 -11.56
N ILE B 156 -31.50 18.65 -10.72
CA ILE B 156 -31.61 20.09 -10.57
C ILE B 156 -31.41 20.76 -11.92
N HIS B 157 -30.37 20.38 -12.64
CA HIS B 157 -30.05 21.03 -13.90
C HIS B 157 -30.65 20.31 -15.09
N TYR B 158 -30.97 19.02 -14.92
CA TYR B 158 -31.49 18.23 -16.05
C TYR B 158 -32.77 17.51 -15.66
N PRO B 159 -33.89 18.23 -15.46
CA PRO B 159 -35.14 17.56 -15.19
C PRO B 159 -35.51 16.92 -16.53
N HIS B 160 -36.24 15.80 -16.49
CA HIS B 160 -36.76 15.15 -17.73
C HIS B 160 -35.68 14.34 -18.45
N SER B 161 -34.48 14.24 -17.88
CA SER B 161 -33.36 13.55 -18.58
C SER B 161 -32.77 12.54 -17.61
N LYS B 162 -32.43 11.34 -18.08
CA LYS B 162 -31.97 10.33 -17.14
C LYS B 162 -30.50 10.57 -16.80
N PHE B 163 -30.07 9.98 -15.69
CA PHE B 163 -28.66 10.09 -15.29
C PHE B 163 -27.76 9.55 -16.40
N PRO B 164 -26.76 10.33 -16.84
CA PRO B 164 -25.95 9.96 -18.03
C PRO B 164 -25.18 8.64 -18.03
N PHE B 165 -24.52 8.22 -16.93
CA PHE B 165 -23.58 7.11 -17.04
C PHE B 165 -23.96 5.84 -16.28
N SER B 166 -25.20 5.69 -15.86
CA SER B 166 -25.51 4.51 -15.07
C SER B 166 -26.84 3.95 -15.50
N GLU B 167 -26.97 2.64 -15.37
CA GLU B 167 -28.24 1.97 -15.60
C GLU B 167 -28.97 1.74 -14.27
N PHE B 168 -28.46 2.33 -13.19
CA PHE B 168 -29.05 2.15 -11.89
C PHE B 168 -30.41 2.84 -11.84
N VAL B 169 -31.38 2.16 -11.25
CA VAL B 169 -32.70 2.74 -11.00
C VAL B 169 -33.02 2.53 -9.53
N LEU B 170 -33.34 3.61 -8.83
CA LEU B 170 -33.70 3.52 -7.43
C LEU B 170 -35.05 2.85 -7.26
N HIS B 171 -35.14 1.96 -6.26
CA HIS B 171 -36.37 1.25 -5.98
C HIS B 171 -37.39 2.23 -5.41
N ASN B 172 -38.67 1.93 -5.64
CA ASN B 172 -39.74 2.82 -5.17
C ASN B 172 -39.70 3.02 -3.66
N HIS B 173 -39.32 1.98 -2.92
CA HIS B 173 -39.35 2.05 -1.46
C HIS B 173 -38.54 3.25 -0.95
N TRP B 174 -37.43 3.54 -1.61
CA TRP B 174 -36.57 4.64 -1.19
C TRP B 174 -37.00 5.96 -1.82
N LYS B 175 -37.68 5.90 -2.97
CA LYS B 175 -38.26 7.09 -3.56
C LYS B 175 -39.43 7.60 -2.72
N ALA B 176 -39.90 6.80 -1.78
CA ALA B 176 -40.95 7.17 -0.84
C ALA B 176 -40.35 7.65 0.48
N THR B 186 -37.18 18.01 7.90
CA THR B 186 -36.24 19.05 8.31
C THR B 186 -34.89 18.91 7.59
N GLU B 187 -34.24 17.75 7.71
CA GLU B 187 -32.91 17.60 7.11
C GLU B 187 -32.93 17.80 5.60
N ARG B 188 -33.95 17.29 4.92
CA ARG B 188 -34.04 17.44 3.47
C ARG B 188 -34.13 18.90 3.07
N THR B 189 -34.82 19.69 3.88
CA THR B 189 -34.95 21.11 3.58
C THR B 189 -33.60 21.77 3.61
N ARG B 190 -32.80 21.45 4.63
CA ARG B 190 -31.46 22.00 4.71
C ARG B 190 -30.57 21.46 3.58
N LYS B 191 -30.71 20.16 3.27
CA LYS B 191 -29.87 19.54 2.25
C LYS B 191 -30.11 20.18 0.88
N ARG B 192 -31.37 20.51 0.59
CA ARG B 192 -31.74 21.09 -0.71
C ARG B 192 -31.12 22.48 -0.88
N GLY B 193 -31.14 23.30 0.17
CA GLY B 193 -30.48 24.62 0.13
C GLY B 193 -28.99 24.49 -0.09
N GLU B 194 -28.35 23.47 0.47
CA GLU B 194 -26.88 23.29 0.39
C GLU B 194 -26.44 23.11 -1.07
N ALA B 195 -27.33 22.60 -1.92
CA ALA B 195 -27.03 22.40 -3.36
C ALA B 195 -26.71 23.74 -4.02
N PHE B 196 -27.19 24.84 -3.44
CA PHE B 196 -27.04 26.17 -4.09
C PHE B 196 -26.05 27.06 -3.33
N LEU B 197 -25.29 26.47 -2.42
CA LEU B 197 -24.43 27.31 -1.62
C LEU B 197 -23.37 27.96 -2.51
N TYR B 198 -23.00 29.19 -2.18
CA TYR B 198 -22.07 29.94 -3.01
C TYR B 198 -20.63 29.71 -2.55
N CYS B 199 -19.70 29.93 -3.47
CA CYS B 199 -18.27 29.91 -3.20
C CYS B 199 -17.64 31.17 -3.75
N LEU B 200 -16.94 31.92 -2.87
CA LEU B 200 -16.19 33.08 -3.31
C LEU B 200 -14.74 33.02 -2.84
N HIS B 201 -14.21 31.83 -2.53
CA HIS B 201 -12.88 31.71 -1.95
C HIS B 201 -12.21 30.42 -2.41
N ALA B 202 -10.87 30.40 -2.33
CA ALA B 202 -10.13 29.22 -2.77
C ALA B 202 -10.48 28.00 -1.94
N SER B 203 -10.72 28.18 -0.64
CA SER B 203 -11.04 27.06 0.23
C SER B 203 -12.32 26.36 -0.21
N CYS B 204 -13.33 27.13 -0.63
CA CYS B 204 -14.58 26.49 -1.03
C CYS B 204 -14.56 25.99 -2.46
N SER B 205 -13.54 26.34 -3.25
CA SER B 205 -13.46 25.95 -4.65
C SER B 205 -13.10 24.49 -4.87
N VAL B 206 -12.66 23.77 -3.83
CA VAL B 206 -12.22 22.39 -3.97
C VAL B 206 -12.74 21.54 -2.81
N ILE B 207 -13.04 20.27 -3.10
CA ILE B 207 -13.51 19.34 -2.09
C ILE B 207 -12.71 18.05 -2.16
N LEU B 208 -12.38 17.48 -1.00
CA LEU B 208 -11.75 16.18 -0.89
C LEU B 208 -12.85 15.14 -0.77
N ILE B 209 -12.71 14.02 -1.48
CA ILE B 209 -13.72 12.96 -1.36
C ILE B 209 -13.06 11.61 -1.11
N ASN B 210 -13.75 10.78 -0.33
CA ASN B 210 -13.30 9.45 0.05
C ASN B 210 -13.73 8.42 -1.00
N SER B 211 -13.10 8.50 -2.17
CA SER B 211 -13.40 7.60 -3.26
C SER B 211 -12.16 7.46 -4.15
N PHE B 212 -12.29 6.67 -5.20
CA PHE B 212 -11.19 6.44 -6.13
C PHE B 212 -11.77 6.27 -7.53
N ARG B 213 -10.99 6.72 -8.52
CA ARG B 213 -11.51 6.80 -9.89
C ARG B 213 -11.88 5.44 -10.48
N GLU B 214 -11.20 4.35 -10.07
CA GLU B 214 -11.54 3.05 -10.64
C GLU B 214 -13.00 2.70 -10.42
N LEU B 215 -13.59 3.13 -9.30
CA LEU B 215 -15.01 2.90 -9.04
C LEU B 215 -15.90 4.06 -9.42
N GLU B 216 -15.47 5.30 -9.26
CA GLU B 216 -16.35 6.45 -9.48
C GLU B 216 -15.75 7.53 -10.38
N GLY B 217 -14.79 7.19 -11.25
CA GLY B 217 -14.10 8.23 -12.01
C GLY B 217 -15.01 9.08 -12.87
N LYS B 218 -15.95 8.45 -13.59
CA LYS B 218 -16.89 9.22 -14.41
C LYS B 218 -17.78 10.11 -13.55
N TYR B 219 -18.28 9.57 -12.44
CA TYR B 219 -19.13 10.37 -11.57
C TYR B 219 -18.36 11.54 -10.98
N MET B 220 -17.07 11.38 -10.68
CA MET B 220 -16.29 12.49 -10.17
C MET B 220 -16.18 13.61 -11.20
N ASP B 221 -15.93 13.23 -12.46
CA ASP B 221 -15.84 14.23 -13.52
C ASP B 221 -17.17 14.95 -13.69
N TYR B 222 -18.28 14.21 -13.66
CA TYR B 222 -19.60 14.83 -13.74
C TYR B 222 -19.86 15.71 -12.52
N LEU B 223 -19.51 15.23 -11.32
CA LEU B 223 -19.75 16.03 -10.11
C LEU B 223 -18.97 17.33 -10.16
N SER B 224 -17.75 17.30 -10.72
CA SER B 224 -16.94 18.51 -10.82
C SER B 224 -17.67 19.57 -11.65
N VAL B 225 -18.31 19.16 -12.74
CA VAL B 225 -19.12 20.07 -13.54
C VAL B 225 -20.36 20.51 -12.76
N LEU B 226 -21.03 19.57 -12.09
CA LEU B 226 -22.26 19.88 -11.37
C LEU B 226 -22.02 20.93 -10.28
N LEU B 227 -20.86 20.91 -9.64
CA LEU B 227 -20.57 21.81 -8.54
C LEU B 227 -19.76 23.03 -8.95
N ASN B 228 -19.23 23.05 -10.18
CA ASN B 228 -18.25 24.07 -10.58
C ASN B 228 -17.07 24.06 -9.61
N LYS B 229 -16.68 22.86 -9.19
CA LYS B 229 -15.67 22.72 -8.15
C LYS B 229 -14.74 21.57 -8.45
N LYS B 230 -13.49 21.72 -8.04
CA LYS B 230 -12.49 20.69 -8.21
C LYS B 230 -12.76 19.57 -7.20
N VAL B 231 -12.90 18.34 -7.69
CA VAL B 231 -13.14 17.17 -6.85
C VAL B 231 -11.84 16.37 -6.74
N VAL B 232 -11.28 16.29 -5.54
CA VAL B 232 -9.99 15.64 -5.30
C VAL B 232 -10.24 14.31 -4.58
N PRO B 233 -10.07 13.16 -5.24
CA PRO B 233 -10.21 11.87 -4.54
C PRO B 233 -9.05 11.62 -3.60
N VAL B 234 -9.37 11.17 -2.37
CA VAL B 234 -8.35 10.78 -1.41
C VAL B 234 -8.48 9.34 -0.96
N GLY B 235 -9.43 8.59 -1.51
CA GLY B 235 -9.71 7.27 -0.99
C GLY B 235 -9.16 6.11 -1.80
N PRO B 236 -9.63 4.88 -1.50
CA PRO B 236 -10.46 4.67 -0.31
C PRO B 236 -9.61 4.69 0.95
N LEU B 237 -10.16 5.21 2.03
CA LEU B 237 -9.46 5.31 3.31
C LEU B 237 -9.90 4.16 4.20
N VAL B 238 -9.10 3.10 4.23
CA VAL B 238 -9.44 1.86 4.92
C VAL B 238 -8.49 1.64 6.08
N TYR B 239 -9.03 1.42 7.27
CA TYR B 239 -8.21 1.15 8.44
C TYR B 239 -7.71 -0.28 8.38
N GLU B 240 -6.39 -0.45 8.37
CA GLU B 240 -5.81 -1.77 8.32
C GLU B 240 -5.45 -2.21 9.74
N PRO B 241 -6.09 -3.25 10.26
CA PRO B 241 -5.85 -3.66 11.65
C PRO B 241 -4.54 -4.41 11.85
N ASN B 242 -3.92 -4.13 12.98
CA ASN B 242 -2.74 -4.82 13.48
C ASN B 242 -2.97 -6.25 13.97
N GLU B 246 -13.19 -7.55 20.36
CA GLU B 246 -12.18 -6.96 21.22
C GLU B 246 -10.80 -7.49 20.85
N ASP B 247 -9.76 -7.02 21.54
CA ASP B 247 -8.43 -7.51 21.21
C ASP B 247 -8.39 -9.01 21.48
N GLU B 248 -8.88 -9.39 22.66
CA GLU B 248 -9.13 -10.77 23.06
C GLU B 248 -10.47 -11.28 22.51
N GLY B 249 -11.35 -10.36 22.11
CA GLY B 249 -12.62 -10.77 21.55
C GLY B 249 -12.43 -11.49 20.23
N TYR B 250 -11.47 -11.02 19.42
CA TYR B 250 -11.12 -11.72 18.19
C TYR B 250 -10.65 -13.13 18.51
N SER B 251 -10.01 -13.32 19.66
CA SER B 251 -9.42 -14.60 20.00
C SER B 251 -10.44 -15.73 19.97
N SER B 252 -11.63 -15.51 20.54
CA SER B 252 -12.71 -16.49 20.42
C SER B 252 -13.22 -16.63 18.98
N ILE B 253 -13.43 -15.50 18.29
CA ILE B 253 -13.89 -15.51 16.90
C ILE B 253 -12.88 -16.16 15.98
N LYS B 254 -11.59 -15.88 16.18
CA LYS B 254 -10.58 -16.44 15.28
C LYS B 254 -10.54 -17.96 15.38
N ASN B 255 -10.66 -18.49 16.60
CA ASN B 255 -10.66 -19.94 16.80
C ASN B 255 -11.83 -20.60 16.07
N TRP B 256 -13.01 -19.99 16.17
CA TRP B 256 -14.18 -20.52 15.46
C TRP B 256 -13.96 -20.48 13.95
N LEU B 257 -13.47 -19.35 13.44
CA LEU B 257 -13.25 -19.22 12.00
C LEU B 257 -12.18 -20.20 11.52
N ASP B 258 -11.15 -20.44 12.34
CA ASP B 258 -10.07 -21.35 11.96
C ASP B 258 -10.58 -22.76 11.70
N LYS B 259 -11.63 -23.19 12.41
CA LYS B 259 -12.22 -24.50 12.13
C LYS B 259 -12.97 -24.54 10.81
N LYS B 260 -13.38 -23.41 10.26
CA LYS B 260 -14.16 -23.42 9.03
C LYS B 260 -13.28 -23.65 7.81
N GLU B 261 -13.91 -24.06 6.72
CA GLU B 261 -13.24 -24.24 5.46
C GLU B 261 -12.98 -22.87 4.83
N PRO B 262 -12.01 -22.77 3.92
CA PRO B 262 -11.75 -21.47 3.26
C PRO B 262 -12.96 -20.94 2.52
N SER B 263 -13.18 -19.63 2.65
CA SER B 263 -14.19 -18.90 1.89
C SER B 263 -15.59 -19.49 2.10
N SER B 264 -15.85 -20.00 3.31
CA SER B 264 -17.10 -20.65 3.63
C SER B 264 -18.02 -19.84 4.54
N THR B 265 -17.59 -18.66 4.98
CA THR B 265 -18.29 -17.92 6.00
C THR B 265 -18.66 -16.52 5.51
N VAL B 266 -19.86 -16.07 5.85
CA VAL B 266 -20.30 -14.70 5.59
C VAL B 266 -20.27 -13.94 6.90
N PHE B 267 -19.75 -12.73 6.86
CA PHE B 267 -19.92 -11.79 7.96
C PHE B 267 -21.19 -10.99 7.72
N VAL B 268 -21.98 -10.78 8.76
CA VAL B 268 -23.25 -10.05 8.64
C VAL B 268 -23.23 -8.87 9.59
N SER B 269 -23.33 -7.66 9.03
CA SER B 269 -23.35 -6.44 9.83
C SER B 269 -24.21 -5.41 9.13
N PHE B 270 -24.91 -4.60 9.92
CA PHE B 270 -25.70 -3.49 9.41
C PHE B 270 -25.25 -2.13 9.93
N GLY B 271 -24.06 -2.05 10.52
CA GLY B 271 -23.47 -0.77 10.85
C GLY B 271 -23.75 -0.29 12.26
N SER B 272 -23.26 0.91 12.52
CA SER B 272 -23.29 1.52 13.84
C SER B 272 -24.53 2.37 14.10
N GLU B 273 -25.30 2.74 13.08
CA GLU B 273 -26.39 3.69 13.26
C GLU B 273 -27.78 3.14 12.95
N TYR B 274 -27.92 1.86 12.61
CA TYR B 274 -29.23 1.33 12.24
C TYR B 274 -29.49 0.03 12.97
N PHE B 275 -30.70 -0.11 13.49
CA PHE B 275 -31.13 -1.33 14.17
C PHE B 275 -32.25 -1.94 13.35
N PRO B 276 -32.01 -3.06 12.64
CA PRO B 276 -33.07 -3.63 11.81
C PRO B 276 -34.28 -4.03 12.63
N SER B 277 -35.45 -3.93 12.00
CA SER B 277 -36.68 -4.27 12.70
C SER B 277 -36.73 -5.77 12.94
N LYS B 278 -37.63 -6.18 13.82
CA LYS B 278 -37.81 -7.61 14.08
C LYS B 278 -38.14 -8.37 12.79
N GLU B 279 -38.97 -7.78 11.92
CA GLU B 279 -39.31 -8.43 10.65
C GLU B 279 -38.10 -8.50 9.76
N GLU B 280 -37.35 -7.41 9.70
CA GLU B 280 -36.15 -7.43 8.89
C GLU B 280 -35.16 -8.47 9.39
N MET B 281 -35.00 -8.59 10.71
CA MET B 281 -34.07 -9.56 11.28
C MET B 281 -34.47 -10.99 10.91
N GLU B 282 -35.78 -11.29 10.99
CA GLU B 282 -36.25 -12.64 10.71
C GLU B 282 -36.01 -13.03 9.26
N GLU B 283 -36.23 -12.11 8.31
CA GLU B 283 -35.94 -12.40 6.90
C GLU B 283 -34.46 -12.70 6.69
N ILE B 284 -33.58 -11.93 7.31
CA ILE B 284 -32.16 -12.16 7.22
C ILE B 284 -31.80 -13.52 7.83
N ALA B 285 -32.37 -13.82 9.00
CA ALA B 285 -32.05 -15.06 9.68
C ALA B 285 -32.50 -16.27 8.87
N HIS B 286 -33.71 -16.22 8.32
CA HIS B 286 -34.20 -17.35 7.53
C HIS B 286 -33.39 -17.50 6.24
N GLY B 287 -33.00 -16.37 5.64
CA GLY B 287 -32.15 -16.45 4.46
C GLY B 287 -30.83 -17.12 4.78
N LEU B 288 -30.22 -16.78 5.91
CA LEU B 288 -28.97 -17.41 6.32
C LEU B 288 -29.17 -18.90 6.55
N GLU B 289 -30.23 -19.26 7.28
CA GLU B 289 -30.44 -20.66 7.65
C GLU B 289 -30.68 -21.52 6.42
N ALA B 290 -31.51 -21.05 5.47
CA ALA B 290 -31.80 -21.84 4.29
C ALA B 290 -30.55 -22.03 3.44
N SER B 291 -29.72 -20.99 3.35
CA SER B 291 -28.50 -21.07 2.55
C SER B 291 -27.55 -22.14 3.06
N GLU B 292 -27.52 -22.36 4.38
CA GLU B 292 -26.66 -23.33 5.08
C GLU B 292 -25.22 -22.84 5.17
N VAL B 293 -25.01 -21.54 4.93
CA VAL B 293 -23.69 -20.95 5.01
C VAL B 293 -23.23 -20.84 6.46
N ASN B 294 -21.92 -20.75 6.65
CA ASN B 294 -21.39 -20.38 7.95
C ASN B 294 -21.52 -18.87 8.11
N PHE B 295 -21.85 -18.40 9.32
CA PHE B 295 -22.07 -16.96 9.44
C PHE B 295 -21.65 -16.43 10.81
N ILE B 296 -21.10 -15.21 10.78
CA ILE B 296 -20.85 -14.39 11.96
C ILE B 296 -21.74 -13.16 11.83
N TRP B 297 -22.69 -13.01 12.73
CA TRP B 297 -23.64 -11.91 12.68
C TRP B 297 -23.47 -11.04 13.91
N VAL B 298 -23.27 -9.75 13.70
CA VAL B 298 -23.21 -8.80 14.82
C VAL B 298 -24.61 -8.25 15.03
N VAL B 299 -25.17 -8.53 16.19
CA VAL B 299 -26.49 -8.05 16.59
C VAL B 299 -26.27 -7.03 17.68
N ARG B 300 -26.84 -5.84 17.52
CA ARG B 300 -26.64 -4.79 18.50
C ARG B 300 -27.97 -4.13 18.82
N PHE B 301 -28.01 -3.50 19.99
CA PHE B 301 -29.19 -2.83 20.53
C PHE B 301 -28.85 -1.39 20.87
N PRO B 302 -29.85 -0.50 20.86
CA PRO B 302 -29.59 0.91 21.16
C PRO B 302 -29.06 1.11 22.57
N GLN B 303 -28.23 2.14 22.72
CA GLN B 303 -27.61 2.42 24.01
C GLN B 303 -28.65 2.56 25.11
N GLY B 304 -28.35 1.97 26.26
CA GLY B 304 -29.29 1.95 27.38
C GLY B 304 -30.10 0.68 27.44
N ALA B 313 -34.97 -11.22 19.59
CA ALA B 313 -34.52 -10.49 18.42
C ALA B 313 -34.52 -11.38 17.18
N LEU B 314 -34.21 -12.65 17.38
CA LEU B 314 -34.09 -13.62 16.30
C LEU B 314 -35.23 -14.64 16.35
N PRO B 315 -35.47 -15.37 15.26
CA PRO B 315 -36.49 -16.43 15.31
C PRO B 315 -36.20 -17.44 16.41
N LYS B 316 -37.26 -18.10 16.88
CA LYS B 316 -37.21 -18.87 18.12
C LYS B 316 -36.10 -19.91 18.10
N GLY B 317 -35.99 -20.69 17.02
CA GLY B 317 -35.03 -21.78 17.05
C GLY B 317 -33.85 -21.57 16.11
N PHE B 318 -33.58 -20.29 15.79
CA PHE B 318 -32.61 -19.98 14.74
C PHE B 318 -31.22 -20.48 15.09
N LEU B 319 -30.70 -20.09 16.26
CA LEU B 319 -29.32 -20.45 16.60
C LEU B 319 -29.18 -21.95 16.84
N GLU B 320 -30.20 -22.55 17.46
CA GLU B 320 -30.14 -23.99 17.72
C GLU B 320 -30.01 -24.79 16.44
N ARG B 321 -30.79 -24.42 15.44
CA ARG B 321 -30.71 -25.09 14.17
C ARG B 321 -29.37 -24.83 13.51
N ALA B 322 -28.89 -23.59 13.58
CA ALA B 322 -27.63 -23.25 12.91
C ALA B 322 -26.45 -23.99 13.53
N GLY B 323 -26.43 -24.09 14.86
CA GLY B 323 -25.37 -24.85 15.53
C GLY B 323 -24.00 -24.28 15.26
N GLU B 324 -23.06 -25.15 14.88
CA GLU B 324 -21.69 -24.70 14.62
C GLU B 324 -21.60 -23.75 13.44
N ARG B 325 -22.54 -23.84 12.49
CA ARG B 325 -22.47 -22.96 11.33
C ARG B 325 -22.69 -21.50 11.70
N GLY B 326 -23.45 -21.22 12.77
CA GLY B 326 -23.83 -19.86 13.11
C GLY B 326 -23.22 -19.37 14.42
N MET B 327 -22.73 -18.13 14.39
CA MET B 327 -22.26 -17.44 15.59
C MET B 327 -22.76 -16.01 15.57
N VAL B 328 -23.34 -15.57 16.70
CA VAL B 328 -23.80 -14.20 16.87
C VAL B 328 -22.88 -13.50 17.87
N VAL B 329 -22.45 -12.30 17.52
CA VAL B 329 -21.64 -11.45 18.39
C VAL B 329 -22.48 -10.24 18.76
N LYS B 330 -22.47 -9.87 20.03
CA LYS B 330 -23.32 -8.79 20.51
C LYS B 330 -22.54 -7.49 20.64
N GLY B 331 -23.15 -6.41 20.18
CA GLY B 331 -22.62 -5.05 20.31
C GLY B 331 -21.68 -4.59 19.22
N TRP B 332 -20.50 -5.19 19.13
CA TRP B 332 -19.48 -4.73 18.19
C TRP B 332 -18.57 -5.90 17.88
N ALA B 333 -18.06 -5.92 16.65
CA ALA B 333 -17.16 -6.97 16.19
C ALA B 333 -15.95 -6.38 15.48
N PRO B 334 -14.84 -7.13 15.43
CA PRO B 334 -13.70 -6.66 14.63
C PRO B 334 -13.92 -6.95 13.15
N GLN B 335 -14.62 -6.03 12.49
CA GLN B 335 -15.04 -6.23 11.11
C GLN B 335 -13.87 -6.45 10.17
N ALA B 336 -12.85 -5.60 10.25
CA ALA B 336 -11.74 -5.69 9.31
C ALA B 336 -11.01 -7.02 9.45
N LYS B 337 -10.74 -7.44 10.69
CA LYS B 337 -10.03 -8.70 10.91
C LYS B 337 -10.83 -9.89 10.38
N ILE B 338 -12.15 -9.90 10.63
CA ILE B 338 -12.99 -10.98 10.14
C ILE B 338 -12.99 -11.00 8.62
N LEU B 339 -13.09 -9.83 8.00
CA LEU B 339 -13.12 -9.76 6.56
C LEU B 339 -11.81 -10.27 5.94
N LYS B 340 -10.65 -9.99 6.57
CA LYS B 340 -9.38 -10.50 6.03
C LYS B 340 -9.21 -12.02 6.29
N HIS B 341 -9.98 -12.63 7.22
CA HIS B 341 -9.82 -14.07 7.44
C HIS B 341 -10.16 -14.87 6.18
N TRP B 342 -9.30 -15.85 5.88
CA TRP B 342 -9.47 -16.67 4.67
C TRP B 342 -10.75 -17.49 4.68
N SER B 343 -11.29 -17.81 5.87
CA SER B 343 -12.56 -18.50 5.94
C SER B 343 -13.72 -17.65 5.43
N THR B 344 -13.60 -16.33 5.41
CA THR B 344 -14.68 -15.43 5.04
C THR B 344 -14.79 -15.33 3.52
N GLY B 345 -15.95 -15.69 2.97
CA GLY B 345 -16.17 -15.61 1.55
C GLY B 345 -17.27 -14.65 1.11
N GLY B 346 -17.96 -14.04 2.06
CA GLY B 346 -19.05 -13.13 1.72
C GLY B 346 -19.31 -12.16 2.84
N PHE B 347 -19.81 -10.97 2.48
CA PHE B 347 -20.17 -9.96 3.46
C PHE B 347 -21.60 -9.50 3.17
N VAL B 348 -22.54 -9.92 4.02
CA VAL B 348 -23.90 -9.41 3.98
C VAL B 348 -23.90 -8.09 4.73
N SER B 349 -24.05 -6.99 4.00
CA SER B 349 -23.86 -5.67 4.57
C SER B 349 -25.01 -4.72 4.25
N HIS B 350 -25.18 -3.73 5.12
CA HIS B 350 -26.15 -2.66 4.87
C HIS B 350 -25.60 -1.69 3.83
N CYS B 351 -24.32 -1.85 3.46
CA CYS B 351 -23.69 -1.09 2.38
C CYS B 351 -23.38 0.36 2.76
N GLY B 352 -23.11 0.62 4.05
CA GLY B 352 -22.48 1.87 4.40
C GLY B 352 -21.15 2.01 3.69
N TRP B 353 -20.78 3.25 3.36
CA TRP B 353 -19.62 3.49 2.51
C TRP B 353 -18.34 2.83 3.02
N ASN B 354 -17.97 3.07 4.28
CA ASN B 354 -16.73 2.50 4.78
C ASN B 354 -16.74 0.98 4.75
N SER B 355 -17.89 0.36 5.05
CA SER B 355 -17.97 -1.09 4.95
C SER B 355 -17.76 -1.56 3.52
N VAL B 356 -18.31 -0.82 2.55
CA VAL B 356 -18.12 -1.17 1.14
C VAL B 356 -16.65 -1.03 0.77
N MET B 357 -16.02 0.07 1.18
CA MET B 357 -14.61 0.26 0.85
C MET B 357 -13.77 -0.85 1.46
N GLU B 358 -14.05 -1.21 2.71
CA GLU B 358 -13.31 -2.29 3.36
C GLU B 358 -13.47 -3.61 2.63
N SER B 359 -14.70 -3.93 2.22
CA SER B 359 -14.94 -5.20 1.51
C SER B 359 -14.18 -5.24 0.19
N MET B 360 -14.17 -4.13 -0.55
CA MET B 360 -13.45 -4.10 -1.81
C MET B 360 -11.95 -4.20 -1.59
N MET B 361 -11.43 -3.50 -0.56
CA MET B 361 -10.00 -3.55 -0.27
C MET B 361 -9.55 -4.98 0.07
N PHE B 362 -10.37 -5.71 0.81
CA PHE B 362 -10.00 -7.04 1.29
C PHE B 362 -10.48 -8.16 0.37
N GLY B 363 -11.16 -7.83 -0.72
CA GLY B 363 -11.56 -8.82 -1.70
C GLY B 363 -12.72 -9.72 -1.31
N VAL B 364 -13.62 -9.25 -0.45
CA VAL B 364 -14.78 -10.02 -0.03
C VAL B 364 -15.99 -9.54 -0.83
N PRO B 365 -16.66 -10.41 -1.60
CA PRO B 365 -17.84 -9.98 -2.34
C PRO B 365 -18.98 -9.57 -1.42
N ILE B 366 -19.64 -8.47 -1.78
CA ILE B 366 -20.73 -7.92 -0.99
C ILE B 366 -22.05 -8.55 -1.42
N ILE B 367 -22.82 -9.01 -0.45
CA ILE B 367 -24.22 -9.36 -0.66
C ILE B 367 -25.02 -8.25 -0.01
N GLY B 368 -25.53 -7.33 -0.82
CA GLY B 368 -26.05 -6.07 -0.32
C GLY B 368 -27.48 -6.13 0.18
N VAL B 369 -27.70 -5.58 1.37
CA VAL B 369 -29.05 -5.43 1.94
C VAL B 369 -29.16 -3.99 2.43
N PRO B 370 -29.19 -3.00 1.54
CA PRO B 370 -29.22 -1.60 1.97
C PRO B 370 -30.47 -1.28 2.77
N MET B 371 -30.32 -0.40 3.77
CA MET B 371 -31.42 -0.05 4.65
C MET B 371 -32.01 1.34 4.40
N HIS B 372 -31.19 2.38 4.31
CA HIS B 372 -31.71 3.75 4.17
C HIS B 372 -30.53 4.65 3.80
N VAL B 373 -30.82 5.96 3.70
CA VAL B 373 -29.88 7.04 3.35
C VAL B 373 -29.15 6.72 2.05
N ASP B 374 -27.81 6.82 2.04
CA ASP B 374 -27.06 6.62 0.81
C ASP B 374 -26.84 5.15 0.48
N GLN B 375 -27.22 4.25 1.38
CA GLN B 375 -26.94 2.83 1.19
C GLN B 375 -27.51 2.24 -0.09
N PRO B 376 -28.73 2.59 -0.55
CA PRO B 376 -29.20 2.02 -1.82
C PRO B 376 -28.29 2.36 -2.99
N PHE B 377 -27.81 3.60 -3.06
CA PHE B 377 -26.90 3.98 -4.14
C PHE B 377 -25.60 3.19 -4.06
N ASN B 378 -25.05 3.02 -2.85
CA ASN B 378 -23.83 2.25 -2.69
C ASN B 378 -24.03 0.81 -3.15
N ALA B 379 -25.18 0.22 -2.82
CA ALA B 379 -25.46 -1.14 -3.27
C ALA B 379 -25.56 -1.21 -4.79
N GLY B 380 -26.17 -0.19 -5.39
CA GLY B 380 -26.23 -0.14 -6.85
C GLY B 380 -24.85 0.00 -7.47
N LEU B 381 -23.98 0.77 -6.81
CA LEU B 381 -22.60 0.90 -7.26
C LEU B 381 -21.88 -0.44 -7.23
N VAL B 382 -22.07 -1.20 -6.14
CA VAL B 382 -21.39 -2.47 -5.98
C VAL B 382 -21.80 -3.43 -7.09
N GLU B 383 -23.10 -3.49 -7.38
CA GLU B 383 -23.63 -4.41 -8.38
C GLU B 383 -23.10 -4.09 -9.78
N GLU B 384 -23.12 -2.81 -10.14
CA GLU B 384 -22.66 -2.41 -11.48
C GLU B 384 -21.15 -2.62 -11.63
N ALA B 385 -20.39 -2.39 -10.55
CA ALA B 385 -18.95 -2.65 -10.60
C ALA B 385 -18.67 -4.13 -10.80
N GLY B 386 -19.59 -4.99 -10.37
CA GLY B 386 -19.43 -6.43 -10.49
C GLY B 386 -18.72 -7.12 -9.35
N VAL B 387 -18.39 -6.41 -8.29
CA VAL B 387 -17.69 -7.01 -7.15
C VAL B 387 -18.66 -7.61 -6.13
N GLY B 388 -19.96 -7.39 -6.29
CA GLY B 388 -20.94 -7.86 -5.34
C GLY B 388 -22.32 -7.86 -5.95
N VAL B 389 -23.29 -8.34 -5.17
CA VAL B 389 -24.67 -8.48 -5.61
C VAL B 389 -25.59 -7.75 -4.64
N GLU B 390 -26.77 -7.37 -5.12
CA GLU B 390 -27.77 -6.70 -4.31
C GLU B 390 -29.01 -7.57 -4.15
N ALA B 391 -29.41 -7.80 -2.91
CA ALA B 391 -30.65 -8.52 -2.62
C ALA B 391 -31.82 -7.58 -2.88
N LYS B 392 -32.68 -7.95 -3.82
CA LYS B 392 -33.76 -7.06 -4.25
C LYS B 392 -34.93 -7.09 -3.27
N ARG B 393 -35.45 -5.92 -2.95
CA ARG B 393 -36.66 -5.83 -2.15
C ARG B 393 -37.89 -6.11 -3.00
N ASP B 394 -38.92 -6.67 -2.35
CA ASP B 394 -40.16 -6.97 -3.04
C ASP B 394 -40.89 -5.68 -3.38
N PRO B 395 -41.95 -5.72 -4.20
CA PRO B 395 -42.60 -4.47 -4.61
C PRO B 395 -43.04 -3.57 -3.46
N ASP B 396 -43.35 -4.14 -2.30
CA ASP B 396 -43.72 -3.35 -1.13
C ASP B 396 -42.52 -2.90 -0.30
N GLY B 397 -41.30 -3.15 -0.78
CA GLY B 397 -40.13 -2.65 -0.09
C GLY B 397 -39.67 -3.47 1.09
N LYS B 398 -39.89 -4.78 1.06
CA LYS B 398 -39.55 -5.66 2.18
C LYS B 398 -38.39 -6.58 1.82
N ILE B 399 -37.60 -6.92 2.83
CA ILE B 399 -36.51 -7.88 2.65
C ILE B 399 -37.11 -9.25 2.34
N GLN B 400 -36.47 -10.00 1.46
CA GLN B 400 -36.94 -11.32 1.07
C GLN B 400 -35.95 -12.40 1.49
N ARG B 401 -36.42 -13.34 2.30
CA ARG B 401 -35.57 -14.43 2.74
C ARG B 401 -35.05 -15.24 1.55
N ASP B 402 -35.92 -15.46 0.55
CA ASP B 402 -35.53 -16.27 -0.60
C ASP B 402 -34.38 -15.61 -1.36
N GLU B 403 -34.47 -14.29 -1.56
CA GLU B 403 -33.42 -13.57 -2.27
C GLU B 403 -32.11 -13.64 -1.50
N VAL B 404 -32.17 -13.43 -0.18
CA VAL B 404 -30.97 -13.50 0.65
C VAL B 404 -30.34 -14.89 0.55
N ALA B 405 -31.17 -15.92 0.66
CA ALA B 405 -30.65 -17.29 0.60
C ALA B 405 -30.04 -17.58 -0.76
N LYS B 406 -30.67 -17.10 -1.83
CA LYS B 406 -30.20 -17.40 -3.18
C LYS B 406 -28.80 -16.82 -3.41
N LEU B 407 -28.63 -15.55 -3.06
CA LEU B 407 -27.37 -14.87 -3.35
C LEU B 407 -26.21 -15.49 -2.58
N ILE B 408 -26.43 -15.83 -1.30
CA ILE B 408 -25.37 -16.43 -0.50
C ILE B 408 -24.97 -17.79 -1.05
N LYS B 409 -25.94 -18.60 -1.44
CA LYS B 409 -25.62 -19.89 -2.05
C LYS B 409 -24.89 -19.69 -3.38
N GLU B 410 -25.32 -18.73 -4.20
CA GLU B 410 -24.66 -18.50 -5.48
C GLU B 410 -23.23 -17.99 -5.29
N VAL B 411 -23.02 -17.11 -4.32
CA VAL B 411 -21.74 -16.43 -4.17
C VAL B 411 -20.82 -17.17 -3.19
N VAL B 412 -21.34 -17.77 -2.12
CA VAL B 412 -20.50 -18.29 -1.04
C VAL B 412 -20.55 -19.81 -0.95
N VAL B 413 -21.74 -20.38 -0.76
CA VAL B 413 -21.85 -21.81 -0.48
C VAL B 413 -21.53 -22.63 -1.72
N GLU B 414 -22.16 -22.31 -2.83
CA GLU B 414 -21.92 -22.93 -4.13
C GLU B 414 -21.41 -21.80 -5.02
N LYS B 415 -20.10 -21.78 -5.28
CA LYS B 415 -19.51 -20.63 -5.94
C LYS B 415 -19.79 -20.70 -7.43
N THR B 416 -21.04 -20.40 -7.78
CA THR B 416 -21.48 -20.36 -9.17
C THR B 416 -21.37 -18.97 -9.77
N ARG B 417 -21.23 -17.94 -8.94
CA ARG B 417 -21.06 -16.58 -9.44
C ARG B 417 -19.57 -16.23 -9.50
N GLU B 418 -18.83 -17.04 -10.26
CA GLU B 418 -17.38 -16.86 -10.32
C GLU B 418 -16.99 -15.52 -10.95
N ASP B 419 -17.84 -14.97 -11.83
CA ASP B 419 -17.58 -13.63 -12.34
C ASP B 419 -17.49 -12.64 -11.20
N VAL B 420 -18.34 -12.78 -10.19
CA VAL B 420 -18.32 -11.84 -9.07
C VAL B 420 -17.04 -12.00 -8.28
N ARG B 421 -16.66 -13.25 -7.99
CA ARG B 421 -15.46 -13.50 -7.19
C ARG B 421 -14.22 -13.01 -7.92
N LYS B 422 -14.17 -13.20 -9.24
CA LYS B 422 -13.03 -12.74 -10.02
C LYS B 422 -12.92 -11.22 -9.99
N LYS B 423 -14.06 -10.54 -10.17
CA LYS B 423 -14.05 -9.08 -10.19
C LYS B 423 -13.63 -8.52 -8.84
N ALA B 424 -14.06 -9.16 -7.75
CA ALA B 424 -13.67 -8.73 -6.42
C ALA B 424 -12.15 -8.88 -6.20
N ARG B 425 -11.57 -9.99 -6.66
CA ARG B 425 -10.13 -10.14 -6.53
C ARG B 425 -9.40 -9.06 -7.33
N GLU B 426 -9.87 -8.79 -8.55
CA GLU B 426 -9.22 -7.77 -9.37
C GLU B 426 -9.28 -6.41 -8.69
N MET B 427 -10.45 -6.07 -8.12
CA MET B 427 -10.62 -4.78 -7.48
C MET B 427 -9.71 -4.64 -6.26
N SER B 428 -9.63 -5.69 -5.44
CA SER B 428 -8.72 -5.66 -4.30
C SER B 428 -7.28 -5.47 -4.76
N GLU B 429 -6.90 -6.15 -5.85
CA GLU B 429 -5.56 -5.98 -6.39
C GLU B 429 -5.33 -4.54 -6.84
N ILE B 430 -6.33 -3.93 -7.48
CA ILE B 430 -6.21 -2.52 -7.85
C ILE B 430 -5.99 -1.66 -6.61
N LEU B 431 -6.80 -1.88 -5.57
CA LEU B 431 -6.76 -1.03 -4.38
C LEU B 431 -5.48 -1.25 -3.60
N ARG B 432 -5.06 -2.50 -3.45
CA ARG B 432 -3.83 -2.81 -2.72
C ARG B 432 -2.61 -2.25 -3.44
N SER B 433 -2.65 -2.20 -4.78
CA SER B 433 -1.55 -1.66 -5.55
C SER B 433 -1.32 -0.17 -5.36
N LYS B 434 -2.33 0.55 -4.88
CA LYS B 434 -2.19 2.00 -4.72
C LYS B 434 -1.23 2.36 -3.59
N GLY B 435 -0.45 3.42 -3.80
CA GLY B 435 0.58 3.80 -2.85
C GLY B 435 0.39 5.23 -2.35
N GLU B 436 1.49 5.88 -1.99
CA GLU B 436 1.43 7.20 -1.37
C GLU B 436 0.98 8.28 -2.35
N GLU B 437 0.97 8.00 -3.65
CA GLU B 437 0.54 8.99 -4.64
C GLU B 437 -0.91 9.40 -4.41
N LYS B 438 -1.65 8.57 -3.68
CA LYS B 438 -3.07 8.80 -3.40
C LYS B 438 -3.33 10.18 -2.82
N PHE B 439 -2.36 10.73 -2.07
CA PHE B 439 -2.52 12.02 -1.41
C PHE B 439 -1.79 13.16 -2.08
N ASP B 440 -1.10 12.94 -3.21
CA ASP B 440 -0.33 14.02 -3.81
C ASP B 440 -1.24 15.18 -4.22
N GLU B 441 -2.38 14.87 -4.85
CA GLU B 441 -3.25 15.92 -5.36
C GLU B 441 -3.80 16.76 -4.21
N MET B 442 -4.20 16.11 -3.11
CA MET B 442 -4.70 16.84 -1.95
C MET B 442 -3.65 17.80 -1.41
N VAL B 443 -2.41 17.33 -1.28
CA VAL B 443 -1.36 18.13 -0.68
C VAL B 443 -1.09 19.38 -1.53
N ALA B 444 -1.03 19.21 -2.85
CA ALA B 444 -0.84 20.35 -3.73
C ALA B 444 -1.98 21.36 -3.57
N GLU B 445 -3.22 20.87 -3.52
CA GLU B 445 -4.37 21.77 -3.43
C GLU B 445 -4.35 22.54 -2.11
N ILE B 446 -3.99 21.86 -1.01
CA ILE B 446 -3.90 22.53 0.27
C ILE B 446 -2.81 23.59 0.24
N SER B 447 -1.66 23.27 -0.34
CA SER B 447 -0.56 24.23 -0.44
C SER B 447 -1.03 25.48 -1.19
N LEU B 448 -1.72 25.29 -2.32
CA LEU B 448 -2.17 26.43 -3.11
C LEU B 448 -3.15 27.30 -2.33
N LEU B 449 -4.19 26.70 -1.75
CA LEU B 449 -5.25 27.49 -1.12
C LEU B 449 -4.72 28.27 0.08
N LEU B 450 -3.79 27.68 0.85
CA LEU B 450 -3.23 28.39 1.99
C LEU B 450 -2.45 29.61 1.54
N LYS B 451 -1.62 29.45 0.51
CA LYS B 451 -0.86 30.58 -0.02
C LYS B 451 -1.78 31.65 -0.60
N ILE B 452 -2.85 31.23 -1.28
CA ILE B 452 -3.78 32.20 -1.86
C ILE B 452 -4.49 32.99 -0.77
N GLU B 453 -5.10 32.29 0.19
CA GLU B 453 -5.92 32.98 1.19
C GLU B 453 -5.08 33.76 2.18
N HIS B 454 -3.81 33.40 2.36
CA HIS B 454 -2.93 34.16 3.25
C HIS B 454 -2.83 35.62 2.82
N HIS B 455 -2.74 35.86 1.51
CA HIS B 455 -2.59 37.21 0.98
C HIS B 455 -3.78 38.10 1.37
N HIS B 456 -4.99 37.56 1.33
CA HIS B 456 -6.17 38.27 1.78
C HIS B 456 -6.33 38.21 3.29
#